data_7PCG
#
_entry.id   7PCG
#
_cell.length_a   75.630
_cell.length_b   83.260
_cell.length_c   101.210
_cell.angle_alpha   90.000
_cell.angle_beta   90.000
_cell.angle_gamma   90.000
#
_symmetry.space_group_name_H-M   'P 21 21 21'
#
loop_
_entity.id
_entity.type
_entity.pdbx_description
1 polymer 'Ketol-acid reductoisomerase'
2 non-polymer NICOTINAMIDE-ADENINE-DINUCLEOTIDE
3 non-polymer 'MAGNESIUM ION'
4 non-polymer 'cyclopropane-1,1-dicarboxylic acid'
5 non-polymer GLYCEROL
6 water water
#
_entity_poly.entity_id   1
_entity_poly.type   'polypeptide(L)'
_entity_poly.pdbx_seq_one_letter_code
;GSHMASNDLIYQDEHASLQPLEGRTVAVIGYGIQGRAFAANLRDSGVAVRVGNIDDRYFELARAEGHRVTNIAEAVAHAD
IVLLLIPDEAHGAVFDVDIAPNLRDGALLCVAHGHSLVQGDVRPLPGRDLAMLAPRMYGDPIRRYYLAGQGAPAYFDIVA
DHTGRARDRVLAIARAVGFTRAGVMALGYRQETFLDLFQEQFLAPALVDLVETGFQVLVERGFNPKAALLEVYGSGEMGK
MMLDGADIGLDEVVALQGSPTCQVGYHRWRGRTLPTAVRELAARVLDQIEGGDFSAYLKEQASNDYASLDDARRAALKRP
LNVAHAQVRAAFRFPTEAAGGLYQAAQAPADVEPEAAR
;
_entity_poly.pdbx_strand_id   A,B
#
loop_
_chem_comp.id
_chem_comp.type
_chem_comp.name
_chem_comp.formula
9TY non-polymer 'cyclopropane-1,1-dicarboxylic acid' 'C5 H6 O4'
GOL non-polymer GLYCEROL 'C3 H8 O3'
MG non-polymer 'MAGNESIUM ION' 'Mg 2'
NAD non-polymer NICOTINAMIDE-ADENINE-DINUCLEOTIDE 'C21 H27 N7 O14 P2'
#
# COMPACT_ATOMS: atom_id res chain seq x y z
N ASN A 7 2.50 -29.11 -12.04
CA ASN A 7 2.91 -27.92 -11.23
C ASN A 7 2.47 -26.65 -11.97
N ASP A 8 2.82 -25.46 -11.45
CA ASP A 8 2.37 -24.15 -12.00
C ASP A 8 3.20 -23.80 -13.25
N LEU A 9 2.51 -23.35 -14.30
CA LEU A 9 3.11 -22.91 -15.59
C LEU A 9 3.17 -21.38 -15.60
N ILE A 10 4.37 -20.80 -15.42
CA ILE A 10 4.59 -19.33 -15.27
C ILE A 10 5.56 -18.87 -16.36
N TYR A 11 5.11 -17.94 -17.21
CA TYR A 11 5.85 -17.34 -18.34
C TYR A 11 6.46 -16.01 -17.91
N GLN A 12 7.76 -15.82 -18.19
CA GLN A 12 8.48 -14.52 -18.07
C GLN A 12 9.04 -14.16 -19.45
N ASP A 13 9.83 -13.08 -19.53
CA ASP A 13 10.29 -12.47 -20.82
C ASP A 13 11.00 -13.51 -21.68
N GLU A 14 11.72 -14.45 -21.07
CA GLU A 14 12.50 -15.50 -21.78
C GLU A 14 11.57 -16.52 -22.43
N HIS A 15 10.29 -16.57 -22.03
CA HIS A 15 9.28 -17.57 -22.45
C HIS A 15 8.27 -16.98 -23.43
N ALA A 16 8.51 -15.76 -23.94
CA ALA A 16 7.61 -15.08 -24.91
C ALA A 16 8.42 -14.15 -25.81
N SER A 17 7.89 -13.84 -26.99
CA SER A 17 8.48 -12.87 -27.95
C SER A 17 7.37 -12.04 -28.60
N LEU A 18 7.75 -10.97 -29.30
CA LEU A 18 6.81 -10.08 -30.05
C LEU A 18 6.70 -10.56 -31.51
N GLN A 19 7.40 -11.65 -31.89
CA GLN A 19 7.39 -12.19 -33.27
C GLN A 19 5.95 -12.47 -33.71
N PRO A 20 5.11 -13.13 -32.89
CA PRO A 20 3.72 -13.39 -33.29
C PRO A 20 2.86 -12.16 -33.62
N LEU A 21 3.27 -10.96 -33.22
CA LEU A 21 2.52 -9.69 -33.46
C LEU A 21 3.05 -8.96 -34.70
N GLU A 22 4.12 -9.46 -35.34
CA GLU A 22 4.68 -8.88 -36.58
C GLU A 22 3.58 -8.86 -37.66
N GLY A 23 3.25 -7.67 -38.17
CA GLY A 23 2.27 -7.47 -39.25
C GLY A 23 0.83 -7.67 -38.79
N ARG A 24 0.60 -7.81 -37.49
CA ARG A 24 -0.76 -8.01 -36.90
C ARG A 24 -1.26 -6.69 -36.30
N THR A 25 -2.54 -6.39 -36.48
CA THR A 25 -3.22 -5.22 -35.87
C THR A 25 -4.01 -5.74 -34.65
N VAL A 26 -3.86 -5.07 -33.51
CA VAL A 26 -4.63 -5.35 -32.26
C VAL A 26 -5.73 -4.28 -32.14
N ALA A 27 -6.99 -4.70 -32.09
CA ALA A 27 -8.15 -3.85 -31.76
C ALA A 27 -8.35 -3.89 -30.24
N VAL A 28 -8.07 -2.78 -29.56
CA VAL A 28 -8.41 -2.58 -28.13
C VAL A 28 -9.85 -2.08 -28.07
N ILE A 29 -10.78 -2.93 -27.61
CA ILE A 29 -12.23 -2.60 -27.48
C ILE A 29 -12.45 -2.04 -26.07
N GLY A 30 -12.74 -0.75 -25.99
CA GLY A 30 -12.80 0.01 -24.72
C GLY A 30 -11.48 0.71 -24.45
N TYR A 31 -11.53 1.89 -23.83
CA TYR A 31 -10.36 2.75 -23.53
C TYR A 31 -10.48 3.24 -22.09
N GLY A 32 -10.98 2.36 -21.22
CA GLY A 32 -11.16 2.61 -19.77
C GLY A 32 -9.89 2.30 -19.00
N ILE A 33 -10.04 1.85 -17.76
CA ILE A 33 -8.92 1.58 -16.81
C ILE A 33 -7.92 0.64 -17.48
N GLN A 34 -8.37 -0.48 -18.03
CA GLN A 34 -7.51 -1.51 -18.68
C GLN A 34 -7.20 -1.11 -20.13
N GLY A 35 -8.23 -0.76 -20.90
CA GLY A 35 -8.13 -0.43 -22.34
C GLY A 35 -7.02 0.58 -22.63
N ARG A 36 -6.98 1.66 -21.86
CA ARG A 36 -6.04 2.80 -22.04
C ARG A 36 -4.59 2.32 -21.83
N ALA A 37 -4.36 1.49 -20.80
CA ALA A 37 -3.03 0.95 -20.43
C ALA A 37 -2.56 -0.06 -21.48
N PHE A 38 -3.42 -0.98 -21.89
CA PHE A 38 -3.15 -1.97 -22.97
C PHE A 38 -2.76 -1.20 -24.25
N ALA A 39 -3.57 -0.21 -24.63
CA ALA A 39 -3.41 0.58 -25.87
C ALA A 39 -2.05 1.30 -25.85
N ALA A 40 -1.74 2.00 -24.75
CA ALA A 40 -0.49 2.78 -24.56
C ALA A 40 0.72 1.85 -24.64
N ASN A 41 0.70 0.75 -23.88
CA ASN A 41 1.84 -0.20 -23.74
C ASN A 41 2.08 -0.91 -25.08
N LEU A 42 1.02 -1.37 -25.75
CA LEU A 42 1.10 -2.03 -27.08
C LEU A 42 1.77 -1.09 -28.08
N ARG A 43 1.34 0.18 -28.13
CA ARG A 43 1.88 1.20 -29.08
C ARG A 43 3.37 1.41 -28.82
N ASP A 44 3.77 1.58 -27.55
CA ASP A 44 5.17 1.85 -27.15
C ASP A 44 6.05 0.62 -27.41
N SER A 45 5.44 -0.58 -27.44
CA SER A 45 6.13 -1.87 -27.75
C SER A 45 6.22 -2.09 -29.26
N GLY A 46 5.76 -1.13 -30.08
CA GLY A 46 5.87 -1.15 -31.54
C GLY A 46 4.84 -2.06 -32.19
N VAL A 47 3.70 -2.28 -31.52
CA VAL A 47 2.56 -3.09 -32.02
C VAL A 47 1.56 -2.13 -32.68
N ALA A 48 1.03 -2.50 -33.86
CA ALA A 48 -0.05 -1.75 -34.55
C ALA A 48 -1.33 -1.87 -33.71
N VAL A 49 -1.90 -0.74 -33.29
CA VAL A 49 -3.07 -0.68 -32.38
C VAL A 49 -4.19 0.15 -33.05
N ARG A 50 -5.42 -0.34 -32.91
CA ARG A 50 -6.69 0.36 -33.24
C ARG A 50 -7.54 0.37 -31.96
N VAL A 51 -8.35 1.42 -31.78
CA VAL A 51 -9.30 1.51 -30.64
C VAL A 51 -10.73 1.45 -31.20
N GLY A 52 -11.54 0.54 -30.66
CA GLY A 52 -12.99 0.45 -30.91
C GLY A 52 -13.75 0.87 -29.65
N ASN A 53 -14.62 1.88 -29.77
CA ASN A 53 -15.30 2.49 -28.60
C ASN A 53 -16.64 3.08 -29.02
N ILE A 54 -17.63 3.01 -28.12
CA ILE A 54 -18.95 3.68 -28.27
C ILE A 54 -18.73 5.19 -28.15
N ASP A 55 -19.78 5.98 -28.43
CA ASP A 55 -19.73 7.45 -28.52
C ASP A 55 -19.83 8.05 -27.11
N ASP A 56 -18.72 8.08 -26.37
CA ASP A 56 -18.64 8.62 -24.98
C ASP A 56 -17.27 9.30 -24.78
N ARG A 57 -16.95 9.72 -23.54
CA ARG A 57 -15.74 10.52 -23.22
C ARG A 57 -14.48 9.74 -23.58
N TYR A 58 -14.50 8.41 -23.46
CA TYR A 58 -13.34 7.52 -23.71
C TYR A 58 -12.94 7.57 -25.19
N PHE A 59 -13.91 7.65 -26.09
CA PHE A 59 -13.71 7.80 -27.56
C PHE A 59 -12.86 9.05 -27.82
N GLU A 60 -13.24 10.17 -27.19
CA GLU A 60 -12.59 11.50 -27.37
C GLU A 60 -11.18 11.44 -26.75
N LEU A 61 -11.03 10.74 -25.62
CA LEU A 61 -9.73 10.60 -24.91
C LEU A 61 -8.74 9.82 -25.80
N ALA A 62 -9.18 8.68 -26.35
CA ALA A 62 -8.40 7.85 -27.30
C ALA A 62 -7.93 8.71 -28.46
N ARG A 63 -8.82 9.53 -29.03
CA ARG A 63 -8.52 10.47 -30.14
C ARG A 63 -7.48 11.49 -29.65
N ALA A 64 -7.68 12.06 -28.46
CA ALA A 64 -6.80 13.08 -27.84
C ALA A 64 -5.38 12.52 -27.67
N GLU A 65 -5.25 11.21 -27.42
CA GLU A 65 -3.95 10.56 -27.12
C GLU A 65 -3.40 9.86 -28.37
N GLY A 66 -3.91 10.23 -29.55
CA GLY A 66 -3.25 10.03 -30.85
C GLY A 66 -3.55 8.67 -31.48
N HIS A 67 -4.57 7.95 -30.99
CA HIS A 67 -4.96 6.61 -31.49
C HIS A 67 -5.89 6.74 -32.69
N ARG A 68 -5.94 5.70 -33.53
CA ARG A 68 -6.99 5.52 -34.57
C ARG A 68 -8.22 4.97 -33.86
N VAL A 69 -9.31 5.74 -33.81
CA VAL A 69 -10.53 5.41 -33.02
C VAL A 69 -11.72 5.30 -33.98
N THR A 70 -12.49 4.22 -33.86
CA THR A 70 -13.75 3.97 -34.61
C THR A 70 -14.77 3.32 -33.67
N ASN A 71 -15.98 3.08 -34.16
CA ASN A 71 -16.99 2.20 -33.49
C ASN A 71 -16.36 0.81 -33.32
N ILE A 72 -16.97 -0.04 -32.50
CA ILE A 72 -16.41 -1.38 -32.14
C ILE A 72 -16.39 -2.27 -33.38
N ALA A 73 -17.48 -2.32 -34.15
CA ALA A 73 -17.65 -3.17 -35.35
C ALA A 73 -16.49 -2.96 -36.33
N GLU A 74 -16.15 -1.69 -36.62
CA GLU A 74 -15.09 -1.30 -37.60
C GLU A 74 -13.70 -1.74 -37.10
N ALA A 75 -13.42 -1.55 -35.80
CA ALA A 75 -12.14 -1.91 -35.16
C ALA A 75 -11.92 -3.43 -35.28
N VAL A 76 -12.94 -4.23 -34.97
CA VAL A 76 -12.90 -5.73 -34.99
C VAL A 76 -12.66 -6.20 -36.42
N ALA A 77 -13.31 -5.58 -37.41
CA ALA A 77 -13.29 -5.97 -38.84
C ALA A 77 -11.87 -5.81 -39.41
N HIS A 78 -11.04 -4.93 -38.83
CA HIS A 78 -9.70 -4.55 -39.33
C HIS A 78 -8.60 -5.05 -38.38
N ALA A 79 -8.87 -6.09 -37.59
CA ALA A 79 -7.97 -6.57 -36.51
C ALA A 79 -7.76 -8.09 -36.62
N ASP A 80 -6.54 -8.54 -36.31
CA ASP A 80 -6.15 -9.96 -36.21
C ASP A 80 -6.30 -10.43 -34.75
N ILE A 81 -6.19 -9.49 -33.80
CA ILE A 81 -6.38 -9.75 -32.34
C ILE A 81 -7.32 -8.68 -31.78
N VAL A 82 -8.34 -9.10 -31.03
CA VAL A 82 -9.36 -8.21 -30.39
C VAL A 82 -9.27 -8.39 -28.87
N LEU A 83 -9.06 -7.31 -28.13
CA LEU A 83 -9.04 -7.29 -26.64
C LEU A 83 -10.34 -6.64 -26.15
N LEU A 84 -11.24 -7.43 -25.55
CA LEU A 84 -12.58 -6.97 -25.09
C LEU A 84 -12.45 -6.40 -23.67
N LEU A 85 -12.11 -5.11 -23.57
CA LEU A 85 -11.84 -4.41 -22.28
C LEU A 85 -12.96 -3.38 -22.01
N ILE A 86 -14.19 -3.89 -21.91
CA ILE A 86 -15.41 -3.12 -21.50
C ILE A 86 -16.04 -3.86 -20.32
N PRO A 87 -16.95 -3.22 -19.55
CA PRO A 87 -17.62 -3.89 -18.44
C PRO A 87 -18.28 -5.23 -18.84
N ASP A 88 -18.27 -6.19 -17.91
CA ASP A 88 -18.55 -7.62 -18.16
C ASP A 88 -20.00 -7.81 -18.60
N GLU A 89 -20.95 -7.02 -18.07
CA GLU A 89 -22.40 -7.16 -18.38
C GLU A 89 -22.69 -6.70 -19.82
N ALA A 90 -21.78 -5.90 -20.42
CA ALA A 90 -21.89 -5.39 -21.81
C ALA A 90 -21.30 -6.37 -22.82
N HIS A 91 -20.58 -7.41 -22.36
CA HIS A 91 -19.90 -8.41 -23.23
C HIS A 91 -20.91 -9.08 -24.17
N GLY A 92 -22.02 -9.58 -23.62
CA GLY A 92 -23.06 -10.34 -24.35
C GLY A 92 -23.52 -9.64 -25.62
N ALA A 93 -24.02 -8.39 -25.49
CA ALA A 93 -24.60 -7.60 -26.58
C ALA A 93 -23.53 -7.22 -27.60
N VAL A 94 -22.36 -6.77 -27.12
CA VAL A 94 -21.22 -6.32 -27.98
C VAL A 94 -20.68 -7.53 -28.75
N PHE A 95 -20.56 -8.69 -28.09
CA PHE A 95 -20.09 -9.96 -28.70
C PHE A 95 -21.02 -10.33 -29.86
N ASP A 96 -22.33 -10.42 -29.59
CA ASP A 96 -23.38 -10.90 -30.54
C ASP A 96 -23.52 -9.93 -31.72
N VAL A 97 -23.54 -8.61 -31.46
CA VAL A 97 -23.88 -7.58 -32.49
C VAL A 97 -22.60 -7.10 -33.19
N ASP A 98 -21.52 -6.81 -32.44
CA ASP A 98 -20.35 -6.05 -32.94
C ASP A 98 -19.14 -6.96 -33.23
N ILE A 99 -18.89 -7.98 -32.41
CA ILE A 99 -17.62 -8.79 -32.48
C ILE A 99 -17.82 -10.00 -33.40
N ALA A 100 -18.68 -10.95 -33.02
CA ALA A 100 -18.83 -12.27 -33.68
C ALA A 100 -19.04 -12.09 -35.18
N PRO A 101 -20.01 -11.25 -35.65
CA PRO A 101 -20.20 -11.05 -37.08
C PRO A 101 -19.00 -10.46 -37.84
N ASN A 102 -18.02 -9.87 -37.15
CA ASN A 102 -16.91 -9.11 -37.76
C ASN A 102 -15.54 -9.75 -37.50
N LEU A 103 -15.45 -10.72 -36.60
CA LEU A 103 -14.16 -11.36 -36.20
C LEU A 103 -13.67 -12.22 -37.37
N ARG A 104 -12.50 -11.89 -37.93
CA ARG A 104 -11.92 -12.52 -39.14
C ARG A 104 -11.62 -14.00 -38.86
N ASP A 105 -11.48 -14.78 -39.95
CA ASP A 105 -10.96 -16.17 -39.91
C ASP A 105 -9.56 -16.13 -39.25
N GLY A 106 -9.32 -17.01 -38.27
CA GLY A 106 -8.01 -17.18 -37.62
C GLY A 106 -7.67 -16.05 -36.68
N ALA A 107 -8.63 -15.19 -36.34
CA ALA A 107 -8.45 -14.06 -35.40
C ALA A 107 -8.55 -14.58 -33.96
N LEU A 108 -7.97 -13.83 -33.02
CA LEU A 108 -7.94 -14.14 -31.57
C LEU A 108 -8.78 -13.11 -30.82
N LEU A 109 -9.75 -13.56 -30.00
CA LEU A 109 -10.52 -12.72 -29.06
C LEU A 109 -10.01 -13.00 -27.64
N CYS A 110 -9.66 -11.95 -26.88
CA CYS A 110 -9.19 -12.02 -25.48
C CYS A 110 -10.15 -11.25 -24.56
N VAL A 111 -10.48 -11.84 -23.42
CA VAL A 111 -11.16 -11.15 -22.27
C VAL A 111 -10.12 -11.02 -21.15
N ALA A 112 -10.30 -10.06 -20.23
CA ALA A 112 -9.39 -9.80 -19.10
C ALA A 112 -10.01 -10.29 -17.78
N HIS A 113 -11.08 -11.08 -17.87
CA HIS A 113 -11.87 -11.61 -16.72
C HIS A 113 -12.77 -12.73 -17.26
N GLY A 114 -12.90 -13.83 -16.50
CA GLY A 114 -13.55 -15.06 -16.97
C GLY A 114 -15.07 -15.02 -16.90
N HIS A 115 -15.66 -14.00 -16.25
CA HIS A 115 -17.11 -13.94 -15.92
C HIS A 115 -17.96 -14.21 -17.17
N SER A 116 -17.74 -13.45 -18.24
CA SER A 116 -18.53 -13.51 -19.50
C SER A 116 -18.38 -14.89 -20.16
N LEU A 117 -17.26 -15.57 -19.92
CA LEU A 117 -17.00 -16.96 -20.40
C LEU A 117 -17.81 -17.96 -19.56
N VAL A 118 -17.81 -17.80 -18.23
CA VAL A 118 -18.57 -18.67 -17.27
C VAL A 118 -20.07 -18.57 -17.58
N GLN A 119 -20.57 -17.35 -17.80
CA GLN A 119 -22.02 -17.08 -18.01
C GLN A 119 -22.43 -17.41 -19.45
N GLY A 120 -21.47 -17.60 -20.35
CA GLY A 120 -21.69 -17.99 -21.75
C GLY A 120 -22.16 -16.83 -22.61
N ASP A 121 -21.74 -15.61 -22.27
CA ASP A 121 -22.03 -14.36 -23.03
C ASP A 121 -20.98 -14.19 -24.13
N VAL A 122 -19.75 -14.64 -23.86
CA VAL A 122 -18.66 -14.81 -24.88
C VAL A 122 -18.41 -16.31 -25.00
N ARG A 123 -18.40 -16.84 -26.23
CA ARG A 123 -18.34 -18.28 -26.54
C ARG A 123 -17.30 -18.52 -27.63
N PRO A 124 -16.74 -19.74 -27.73
CA PRO A 124 -15.86 -20.10 -28.86
C PRO A 124 -16.61 -19.95 -30.19
N LEU A 125 -15.91 -19.46 -31.22
CA LEU A 125 -16.43 -19.30 -32.59
C LEU A 125 -15.61 -20.19 -33.53
N PRO A 126 -16.25 -20.93 -34.46
CA PRO A 126 -15.52 -21.73 -35.44
C PRO A 126 -14.48 -20.91 -36.20
N GLY A 127 -13.28 -21.48 -36.42
CA GLY A 127 -12.19 -20.88 -37.22
C GLY A 127 -11.43 -19.82 -36.47
N ARG A 128 -11.74 -19.57 -35.19
CA ARG A 128 -11.21 -18.42 -34.41
C ARG A 128 -10.74 -18.88 -33.02
N ASP A 129 -9.83 -18.11 -32.41
CA ASP A 129 -9.22 -18.40 -31.08
C ASP A 129 -9.91 -17.53 -30.02
N LEU A 130 -10.06 -18.08 -28.81
CA LEU A 130 -10.64 -17.39 -27.63
C LEU A 130 -9.74 -17.63 -26.42
N ALA A 131 -9.39 -16.57 -25.69
CA ALA A 131 -8.45 -16.65 -24.54
C ALA A 131 -8.83 -15.64 -23.46
N MET A 132 -8.32 -15.88 -22.26
CA MET A 132 -8.29 -14.92 -21.13
C MET A 132 -6.83 -14.52 -20.87
N LEU A 133 -6.57 -13.22 -20.83
CA LEU A 133 -5.32 -12.62 -20.26
C LEU A 133 -5.77 -11.59 -19.20
N ALA A 134 -5.74 -11.98 -17.92
CA ALA A 134 -6.36 -11.25 -16.80
C ALA A 134 -5.27 -10.64 -15.92
N PRO A 135 -4.97 -9.33 -16.05
CA PRO A 135 -3.98 -8.68 -15.20
C PRO A 135 -4.42 -8.69 -13.72
N ARG A 136 -3.46 -8.77 -12.79
CA ARG A 136 -3.72 -8.80 -11.33
C ARG A 136 -3.49 -7.39 -10.75
N MET A 137 -3.73 -6.36 -11.56
CA MET A 137 -3.42 -4.94 -11.22
C MET A 137 -4.31 -4.03 -12.07
N TYR A 138 -4.59 -2.81 -11.60
CA TYR A 138 -5.38 -1.80 -12.35
C TYR A 138 -4.44 -0.97 -13.24
N GLY A 139 -5.00 -0.05 -14.02
CA GLY A 139 -4.38 0.55 -15.21
C GLY A 139 -3.14 1.38 -14.90
N ASP A 140 -3.27 2.38 -14.02
CA ASP A 140 -2.19 3.37 -13.75
C ASP A 140 -0.91 2.64 -13.36
N PRO A 141 -0.93 1.71 -12.36
CA PRO A 141 0.26 0.93 -12.03
C PRO A 141 0.83 0.10 -13.19
N ILE A 142 -0.03 -0.52 -14.01
CA ILE A 142 0.40 -1.30 -15.21
C ILE A 142 1.19 -0.37 -16.13
N ARG A 143 0.73 0.88 -16.31
CA ARG A 143 1.36 1.88 -17.21
C ARG A 143 2.66 2.41 -16.58
N ARG A 144 2.63 2.76 -15.29
CA ARG A 144 3.84 3.24 -14.55
C ARG A 144 4.93 2.15 -14.56
N TYR A 145 4.57 0.92 -14.19
CA TYR A 145 5.47 -0.26 -14.20
C TYR A 145 6.12 -0.39 -15.58
N TYR A 146 5.30 -0.42 -16.64
CA TYR A 146 5.76 -0.59 -18.05
C TYR A 146 6.84 0.45 -18.36
N LEU A 147 6.59 1.72 -18.00
CA LEU A 147 7.50 2.87 -18.32
C LEU A 147 8.81 2.74 -17.54
N ALA A 148 8.80 2.05 -16.40
CA ALA A 148 9.98 1.80 -15.54
C ALA A 148 10.67 0.47 -15.91
N GLY A 149 10.27 -0.16 -17.01
CA GLY A 149 10.80 -1.47 -17.47
C GLY A 149 10.36 -2.61 -16.57
N GLN A 150 9.20 -2.46 -15.91
CA GLN A 150 8.63 -3.45 -14.96
C GLN A 150 7.24 -3.88 -15.44
N GLY A 151 6.56 -4.72 -14.69
CA GLY A 151 5.19 -5.18 -15.01
C GLY A 151 4.46 -5.73 -13.81
N ALA A 152 3.15 -5.97 -13.98
CA ALA A 152 2.25 -6.62 -12.99
C ALA A 152 2.03 -8.07 -13.43
N PRO A 153 1.68 -8.99 -12.50
CA PRO A 153 1.37 -10.37 -12.88
C PRO A 153 0.03 -10.45 -13.63
N ALA A 154 -0.18 -11.53 -14.38
CA ALA A 154 -1.45 -11.87 -15.07
C ALA A 154 -1.67 -13.37 -15.02
N TYR A 155 -2.94 -13.80 -15.10
CA TYR A 155 -3.33 -15.21 -15.32
C TYR A 155 -3.86 -15.32 -16.76
N PHE A 156 -3.59 -16.43 -17.43
CA PHE A 156 -4.03 -16.66 -18.83
C PHE A 156 -4.65 -18.05 -18.95
N ASP A 157 -5.59 -18.18 -19.89
CA ASP A 157 -6.26 -19.46 -20.22
C ASP A 157 -6.54 -19.45 -21.73
N ILE A 158 -6.03 -20.45 -22.46
CA ILE A 158 -6.37 -20.68 -23.88
C ILE A 158 -7.66 -21.51 -23.91
N VAL A 159 -8.80 -20.87 -24.17
CA VAL A 159 -10.16 -21.47 -24.08
C VAL A 159 -10.44 -22.25 -25.37
N ALA A 160 -10.22 -21.62 -26.53
CA ALA A 160 -10.34 -22.25 -27.87
C ALA A 160 -9.13 -21.85 -28.72
N ASP A 161 -8.51 -22.84 -29.38
CA ASP A 161 -7.28 -22.66 -30.20
C ASP A 161 -7.48 -23.36 -31.55
N HIS A 162 -8.29 -22.80 -32.44
CA HIS A 162 -8.50 -23.33 -33.81
C HIS A 162 -7.20 -23.22 -34.60
N THR A 163 -6.51 -22.08 -34.49
CA THR A 163 -5.27 -21.75 -35.23
C THR A 163 -4.11 -22.67 -34.80
N GLY A 164 -4.07 -23.06 -33.52
CA GLY A 164 -2.92 -23.74 -32.91
C GLY A 164 -1.81 -22.77 -32.53
N ARG A 165 -2.03 -21.46 -32.70
CA ARG A 165 -1.04 -20.40 -32.42
C ARG A 165 -1.55 -19.42 -31.36
N ALA A 166 -2.71 -19.70 -30.75
CA ALA A 166 -3.35 -18.84 -29.71
C ALA A 166 -2.36 -18.55 -28.58
N ARG A 167 -1.70 -19.60 -28.06
CA ARG A 167 -0.83 -19.50 -26.86
C ARG A 167 0.22 -18.40 -27.07
N ASP A 168 0.99 -18.46 -28.16
CA ASP A 168 2.14 -17.55 -28.39
C ASP A 168 1.62 -16.14 -28.72
N ARG A 169 0.43 -16.01 -29.30
CA ARG A 169 -0.19 -14.70 -29.62
C ARG A 169 -0.66 -14.03 -28.31
N VAL A 170 -1.29 -14.80 -27.42
CA VAL A 170 -1.74 -14.30 -26.09
C VAL A 170 -0.52 -13.88 -25.27
N LEU A 171 0.54 -14.68 -25.29
CA LEU A 171 1.77 -14.42 -24.48
C LEU A 171 2.58 -13.27 -25.09
N ALA A 172 2.52 -13.09 -26.43
CA ALA A 172 3.15 -11.96 -27.14
C ALA A 172 2.49 -10.64 -26.68
N ILE A 173 1.16 -10.62 -26.59
CA ILE A 173 0.36 -9.48 -26.06
C ILE A 173 0.83 -9.21 -24.63
N ALA A 174 0.89 -10.25 -23.78
CA ALA A 174 1.30 -10.18 -22.37
C ALA A 174 2.70 -9.57 -22.27
N ARG A 175 3.62 -9.95 -23.16
CA ARG A 175 5.01 -9.41 -23.17
C ARG A 175 4.99 -7.94 -23.61
N ALA A 176 4.22 -7.60 -24.64
CA ALA A 176 4.10 -6.24 -25.21
C ALA A 176 3.54 -5.27 -24.15
N VAL A 177 2.63 -5.73 -23.29
CA VAL A 177 1.96 -4.91 -22.25
C VAL A 177 2.78 -4.95 -20.95
N GLY A 178 3.65 -5.96 -20.78
CA GLY A 178 4.71 -5.97 -19.76
C GLY A 178 4.51 -7.03 -18.68
N PHE A 179 3.44 -7.83 -18.74
CA PHE A 179 3.04 -8.78 -17.66
C PHE A 179 4.09 -9.88 -17.48
N THR A 180 4.84 -10.23 -18.53
CA THR A 180 5.89 -11.29 -18.48
C THR A 180 7.11 -10.81 -17.68
N ARG A 181 7.24 -9.50 -17.42
CA ARG A 181 8.34 -8.95 -16.59
C ARG A 181 8.13 -9.36 -15.13
N ALA A 182 6.88 -9.60 -14.72
CA ALA A 182 6.49 -10.11 -13.39
C ALA A 182 6.32 -11.62 -13.48
N GLY A 183 5.39 -12.07 -14.34
CA GLY A 183 5.03 -13.48 -14.50
C GLY A 183 3.59 -13.64 -14.94
N VAL A 184 3.35 -14.51 -15.93
CA VAL A 184 2.00 -14.81 -16.51
C VAL A 184 1.72 -16.29 -16.27
N MET A 185 0.81 -16.60 -15.33
CA MET A 185 0.54 -17.99 -14.88
C MET A 185 -0.73 -18.52 -15.54
N ALA A 186 -0.68 -19.76 -16.03
CA ALA A 186 -1.85 -20.52 -16.54
C ALA A 186 -2.84 -20.71 -15.39
N LEU A 187 -4.10 -20.30 -15.58
CA LEU A 187 -5.21 -20.49 -14.60
C LEU A 187 -6.54 -20.50 -15.37
N GLY A 188 -7.41 -21.44 -15.04
CA GLY A 188 -8.73 -21.60 -15.69
C GLY A 188 -9.58 -20.35 -15.52
N TYR A 189 -10.32 -19.94 -16.55
CA TYR A 189 -11.15 -18.72 -16.56
C TYR A 189 -12.20 -18.78 -15.44
N ARG A 190 -12.71 -19.99 -15.14
CA ARG A 190 -13.74 -20.22 -14.10
C ARG A 190 -13.13 -19.88 -12.72
N GLN A 191 -11.96 -20.44 -12.40
CA GLN A 191 -11.26 -20.19 -11.12
C GLN A 191 -10.92 -18.69 -11.02
N GLU A 192 -10.38 -18.10 -12.08
CA GLU A 192 -10.01 -16.66 -12.12
C GLU A 192 -11.24 -15.81 -11.75
N THR A 193 -12.40 -16.10 -12.35
CA THR A 193 -13.67 -15.37 -12.12
C THR A 193 -13.95 -15.30 -10.62
N PHE A 194 -14.02 -16.46 -9.96
CA PHE A 194 -14.44 -16.62 -8.54
C PHE A 194 -13.39 -15.98 -7.62
N LEU A 195 -12.11 -16.19 -7.94
CA LEU A 195 -10.94 -15.63 -7.21
C LEU A 195 -10.99 -14.10 -7.25
N ASP A 196 -11.21 -13.54 -8.44
CA ASP A 196 -11.21 -12.08 -8.70
C ASP A 196 -12.34 -11.42 -7.90
N LEU A 197 -13.55 -12.00 -7.96
CA LEU A 197 -14.76 -11.46 -7.29
C LEU A 197 -14.60 -11.59 -5.77
N PHE A 198 -13.88 -12.61 -5.29
CA PHE A 198 -13.63 -12.85 -3.84
C PHE A 198 -12.81 -11.69 -3.26
N GLN A 199 -11.75 -11.29 -3.96
CA GLN A 199 -10.87 -10.16 -3.56
C GLN A 199 -11.70 -8.87 -3.46
N GLU A 200 -12.61 -8.67 -4.41
CA GLU A 200 -13.40 -7.42 -4.57
C GLU A 200 -14.58 -7.40 -3.58
N GLN A 201 -15.05 -8.56 -3.13
CA GLN A 201 -16.32 -8.69 -2.38
C GLN A 201 -16.06 -9.03 -0.90
N PHE A 202 -15.06 -9.85 -0.59
CA PHE A 202 -14.68 -10.13 0.83
C PHE A 202 -13.52 -9.23 1.26
N LEU A 203 -12.36 -9.34 0.61
CA LEU A 203 -11.09 -8.81 1.16
C LEU A 203 -11.11 -7.27 1.18
N ALA A 204 -11.36 -6.64 0.03
CA ALA A 204 -11.29 -5.17 -0.13
C ALA A 204 -12.30 -4.50 0.80
N PRO A 205 -13.60 -4.89 0.81
CA PRO A 205 -14.54 -4.36 1.78
C PRO A 205 -14.13 -4.58 3.25
N ALA A 206 -13.62 -5.78 3.58
CA ALA A 206 -13.23 -6.15 4.96
C ALA A 206 -12.06 -5.27 5.43
N LEU A 207 -11.07 -5.03 4.56
CA LEU A 207 -9.89 -4.18 4.88
C LEU A 207 -10.35 -2.75 5.17
N VAL A 208 -11.23 -2.19 4.34
CA VAL A 208 -11.73 -0.80 4.50
C VAL A 208 -12.65 -0.75 5.73
N ASP A 209 -13.52 -1.76 5.90
CA ASP A 209 -14.40 -1.91 7.09
C ASP A 209 -13.53 -1.87 8.37
N LEU A 210 -12.38 -2.54 8.35
CA LEU A 210 -11.48 -2.63 9.53
C LEU A 210 -10.84 -1.27 9.80
N VAL A 211 -10.30 -0.63 8.75
CA VAL A 211 -9.71 0.74 8.80
C VAL A 211 -10.76 1.69 9.40
N GLU A 212 -12.01 1.58 8.93
CA GLU A 212 -13.15 2.42 9.36
C GLU A 212 -13.48 2.13 10.83
N THR A 213 -13.44 0.86 11.24
CA THR A 213 -13.71 0.44 12.65
C THR A 213 -12.68 1.10 13.57
N GLY A 214 -11.40 1.04 13.18
CA GLY A 214 -10.30 1.70 13.92
C GLY A 214 -10.57 3.18 14.09
N PHE A 215 -10.92 3.87 13.00
CA PHE A 215 -11.22 5.33 12.97
C PHE A 215 -12.39 5.64 13.92
N GLN A 216 -13.50 4.92 13.76
CA GLN A 216 -14.78 5.20 14.47
C GLN A 216 -14.61 4.95 15.98
N VAL A 217 -13.82 3.95 16.38
CA VAL A 217 -13.54 3.63 17.81
C VAL A 217 -12.67 4.75 18.42
N LEU A 218 -11.60 5.16 17.74
CA LEU A 218 -10.69 6.24 18.19
C LEU A 218 -11.49 7.54 18.38
N VAL A 219 -12.27 7.95 17.36
CA VAL A 219 -13.12 9.17 17.40
C VAL A 219 -14.09 9.08 18.57
N GLU A 220 -14.76 7.92 18.73
CA GLU A 220 -15.75 7.64 19.81
C GLU A 220 -15.08 7.80 21.18
N ARG A 221 -13.79 7.46 21.28
CA ARG A 221 -12.99 7.47 22.54
C ARG A 221 -12.34 8.85 22.76
N GLY A 222 -12.59 9.82 21.87
CA GLY A 222 -12.22 11.23 22.06
C GLY A 222 -10.85 11.56 21.48
N PHE A 223 -10.35 10.74 20.55
CA PHE A 223 -9.06 10.97 19.84
C PHE A 223 -9.27 12.01 18.74
N ASN A 224 -8.22 12.77 18.44
CA ASN A 224 -8.16 13.76 17.33
C ASN A 224 -8.53 13.06 16.02
N PRO A 225 -9.68 13.44 15.37
CA PRO A 225 -10.12 12.78 14.14
C PRO A 225 -9.08 12.77 13.02
N LYS A 226 -8.36 13.89 12.82
CA LYS A 226 -7.31 13.99 11.78
C LYS A 226 -6.20 12.99 12.07
N ALA A 227 -5.76 12.91 13.33
CA ALA A 227 -4.71 11.98 13.79
C ALA A 227 -5.19 10.54 13.65
N ALA A 228 -6.44 10.26 14.07
CA ALA A 228 -7.08 8.94 13.96
C ALA A 228 -7.07 8.48 12.50
N LEU A 229 -7.53 9.35 11.59
CA LEU A 229 -7.62 9.08 10.12
C LEU A 229 -6.22 8.78 9.58
N LEU A 230 -5.23 9.62 9.92
CA LEU A 230 -3.82 9.47 9.44
C LEU A 230 -3.28 8.10 9.85
N GLU A 231 -3.52 7.68 11.09
CA GLU A 231 -2.97 6.42 11.66
C GLU A 231 -3.58 5.20 10.94
N VAL A 232 -4.89 5.20 10.71
CA VAL A 232 -5.62 4.00 10.19
C VAL A 232 -5.35 3.80 8.68
N TYR A 233 -4.97 4.86 7.95
CA TYR A 233 -4.50 4.74 6.53
C TYR A 233 -3.99 6.07 5.96
N GLY A 234 -4.52 7.20 6.41
CA GLY A 234 -4.32 8.54 5.81
C GLY A 234 -2.86 8.93 5.64
N SER A 235 -1.99 8.46 6.55
CA SER A 235 -0.53 8.77 6.56
C SER A 235 0.17 8.03 5.41
N GLY A 236 -0.44 6.95 4.93
CA GLY A 236 0.13 6.04 3.90
C GLY A 236 0.93 4.92 4.53
N GLU A 237 1.08 4.90 5.87
CA GLU A 237 1.93 3.91 6.59
C GLU A 237 1.35 2.50 6.41
N MET A 238 0.04 2.34 6.62
CA MET A 238 -0.66 1.03 6.45
C MET A 238 -0.53 0.58 4.99
N GLY A 239 -0.67 1.50 4.04
CA GLY A 239 -0.51 1.24 2.59
C GLY A 239 0.90 0.80 2.26
N LYS A 240 1.91 1.49 2.80
CA LYS A 240 3.35 1.18 2.58
C LYS A 240 3.66 -0.20 3.17
N MET A 241 3.13 -0.53 4.36
CA MET A 241 3.32 -1.86 4.99
C MET A 241 2.82 -2.95 4.06
N MET A 242 1.61 -2.78 3.50
CA MET A 242 0.94 -3.77 2.62
C MET A 242 1.71 -3.91 1.30
N LEU A 243 2.21 -2.81 0.74
CA LEU A 243 2.92 -2.82 -0.58
C LEU A 243 4.34 -3.36 -0.40
N ASP A 244 5.05 -2.95 0.66
CA ASP A 244 6.38 -3.51 1.03
C ASP A 244 6.20 -5.00 1.36
N GLY A 245 5.09 -5.36 2.01
CA GLY A 245 4.73 -6.74 2.39
C GLY A 245 4.59 -7.65 1.18
N ALA A 246 4.09 -7.13 0.06
CA ALA A 246 4.00 -7.86 -1.23
C ALA A 246 5.40 -8.32 -1.65
N ASP A 247 6.41 -7.50 -1.40
CA ASP A 247 7.83 -7.80 -1.77
C ASP A 247 8.42 -8.84 -0.81
N ILE A 248 8.43 -8.59 0.50
CA ILE A 248 9.26 -9.35 1.48
C ILE A 248 8.39 -10.16 2.45
N GLY A 249 7.06 -9.99 2.43
CA GLY A 249 6.13 -10.64 3.37
C GLY A 249 5.66 -9.70 4.46
N LEU A 250 4.41 -9.83 4.90
CA LEU A 250 3.75 -8.89 5.84
C LEU A 250 4.41 -8.98 7.22
N ASP A 251 4.56 -10.20 7.77
CA ASP A 251 5.20 -10.43 9.10
C ASP A 251 6.67 -9.96 9.05
N GLU A 252 7.32 -10.09 7.89
CA GLU A 252 8.75 -9.71 7.68
C GLU A 252 8.90 -8.17 7.69
N VAL A 253 7.93 -7.44 7.13
CA VAL A 253 7.93 -5.94 7.14
C VAL A 253 8.00 -5.49 8.61
N VAL A 254 7.16 -6.07 9.47
CA VAL A 254 7.09 -5.75 10.93
C VAL A 254 8.45 -6.04 11.56
N ALA A 255 9.06 -7.19 11.24
CA ALA A 255 10.36 -7.65 11.78
C ALA A 255 11.47 -6.67 11.39
N LEU A 256 11.44 -6.14 10.17
CA LEU A 256 12.51 -5.27 9.61
C LEU A 256 12.28 -3.81 10.02
N GLN A 257 11.06 -3.28 9.87
CA GLN A 257 10.75 -1.83 9.92
C GLN A 257 10.14 -1.42 11.26
N GLY A 258 9.72 -2.39 12.08
CA GLY A 258 9.04 -2.13 13.36
C GLY A 258 10.02 -1.93 14.51
N SER A 259 9.80 -0.92 15.35
CA SER A 259 10.46 -0.77 16.68
C SER A 259 10.18 -2.01 17.50
N PRO A 260 11.02 -2.39 18.49
CA PRO A 260 10.71 -3.49 19.39
C PRO A 260 9.32 -3.36 20.03
N THR A 261 8.95 -2.16 20.48
CA THR A 261 7.61 -1.86 21.07
C THR A 261 6.52 -2.29 20.07
N CYS A 262 6.66 -1.90 18.80
CA CYS A 262 5.72 -2.21 17.69
C CYS A 262 5.60 -3.72 17.52
N GLN A 263 6.75 -4.42 17.44
CA GLN A 263 6.82 -5.88 17.19
C GLN A 263 6.16 -6.63 18.34
N VAL A 264 6.42 -6.23 19.59
CA VAL A 264 5.85 -6.87 20.81
C VAL A 264 4.32 -6.71 20.79
N GLY A 265 3.84 -5.49 20.52
CA GLY A 265 2.40 -5.18 20.39
C GLY A 265 1.75 -5.98 19.28
N TYR A 266 2.36 -5.96 18.09
CA TYR A 266 1.90 -6.70 16.88
C TYR A 266 1.74 -8.19 17.21
N HIS A 267 2.78 -8.80 17.76
CA HIS A 267 2.86 -10.27 18.02
C HIS A 267 1.94 -10.66 19.19
N ARG A 268 1.46 -9.69 19.98
CA ARG A 268 0.50 -9.96 21.09
C ARG A 268 -0.87 -10.33 20.52
N TRP A 269 -1.28 -9.71 19.41
CA TRP A 269 -2.65 -9.84 18.85
C TRP A 269 -2.65 -10.54 17.48
N ARG A 270 -1.49 -10.74 16.88
CA ARG A 270 -1.35 -11.43 15.56
C ARG A 270 -2.01 -12.82 15.68
N GLY A 271 -3.00 -13.09 14.83
CA GLY A 271 -3.71 -14.38 14.75
C GLY A 271 -4.83 -14.50 15.77
N ARG A 272 -5.14 -13.42 16.50
CA ARG A 272 -6.10 -13.44 17.64
C ARG A 272 -7.16 -12.33 17.51
N THR A 273 -7.17 -11.55 16.42
CA THR A 273 -8.05 -10.35 16.27
C THR A 273 -9.43 -10.73 15.73
N LEU A 274 -9.53 -11.78 14.89
CA LEU A 274 -10.76 -12.09 14.12
C LEU A 274 -11.46 -13.31 14.69
N PRO A 275 -12.77 -13.20 15.04
CA PRO A 275 -13.54 -14.37 15.45
C PRO A 275 -13.84 -15.27 14.25
N THR A 276 -14.22 -16.53 14.50
CA THR A 276 -14.48 -17.57 13.47
C THR A 276 -15.55 -17.06 12.48
N ALA A 277 -16.43 -16.14 12.92
CA ALA A 277 -17.52 -15.55 12.11
C ALA A 277 -16.98 -14.89 10.84
N VAL A 278 -15.74 -14.38 10.84
CA VAL A 278 -15.12 -13.67 9.68
C VAL A 278 -14.85 -14.68 8.56
N ARG A 279 -14.19 -15.80 8.85
CA ARG A 279 -13.86 -16.84 7.84
C ARG A 279 -15.17 -17.50 7.37
N GLU A 280 -16.20 -17.52 8.22
CA GLU A 280 -17.55 -18.07 7.88
C GLU A 280 -18.25 -17.13 6.88
N LEU A 281 -18.12 -15.81 7.06
CA LEU A 281 -18.70 -14.81 6.13
C LEU A 281 -17.95 -14.89 4.78
N ALA A 282 -16.63 -15.08 4.80
CA ALA A 282 -15.78 -15.27 3.60
C ALA A 282 -16.33 -16.43 2.77
N ALA A 283 -16.64 -17.57 3.40
CA ALA A 283 -17.23 -18.77 2.77
C ALA A 283 -18.57 -18.42 2.13
N ARG A 284 -19.41 -17.66 2.84
CA ARG A 284 -20.75 -17.19 2.39
C ARG A 284 -20.60 -16.32 1.14
N VAL A 285 -19.62 -15.42 1.12
CA VAL A 285 -19.32 -14.52 -0.04
C VAL A 285 -18.96 -15.38 -1.25
N LEU A 286 -18.08 -16.38 -1.06
CA LEU A 286 -17.64 -17.32 -2.13
C LEU A 286 -18.85 -18.12 -2.65
N ASP A 287 -19.71 -18.62 -1.76
CA ASP A 287 -20.95 -19.37 -2.10
C ASP A 287 -21.82 -18.51 -3.02
N GLN A 288 -22.01 -17.23 -2.69
CA GLN A 288 -22.79 -16.26 -3.50
C GLN A 288 -22.16 -16.12 -4.90
N ILE A 289 -20.83 -16.06 -4.96
CA ILE A 289 -20.05 -15.86 -6.21
C ILE A 289 -20.18 -17.11 -7.08
N GLU A 290 -20.05 -18.31 -6.50
CA GLU A 290 -19.96 -19.61 -7.21
C GLU A 290 -21.36 -20.10 -7.62
N GLY A 291 -22.39 -19.81 -6.83
CA GLY A 291 -23.73 -20.41 -6.97
C GLY A 291 -24.67 -19.63 -7.88
N GLY A 292 -24.28 -18.42 -8.31
CA GLY A 292 -25.05 -17.59 -9.27
C GLY A 292 -25.77 -16.42 -8.62
N ASP A 293 -25.74 -16.33 -7.29
CA ASP A 293 -26.46 -15.29 -6.50
C ASP A 293 -25.91 -13.90 -6.88
N PHE A 294 -24.58 -13.74 -6.99
CA PHE A 294 -23.94 -12.44 -7.33
C PHE A 294 -24.23 -12.07 -8.79
N SER A 295 -24.06 -13.02 -9.72
CA SER A 295 -24.35 -12.84 -11.17
C SER A 295 -25.74 -12.22 -11.35
N ALA A 296 -26.75 -12.74 -10.62
CA ALA A 296 -28.14 -12.25 -10.63
C ALA A 296 -28.20 -10.82 -10.09
N TYR A 297 -27.48 -10.56 -8.98
CA TYR A 297 -27.40 -9.24 -8.31
C TYR A 297 -26.75 -8.22 -9.26
N LEU A 298 -25.63 -8.60 -9.90
CA LEU A 298 -24.86 -7.73 -10.83
C LEU A 298 -25.75 -7.31 -12.01
N LYS A 299 -26.51 -8.24 -12.59
CA LYS A 299 -27.37 -8.01 -13.79
C LYS A 299 -28.49 -7.01 -13.42
N GLU A 300 -29.08 -7.16 -12.22
CA GLU A 300 -30.08 -6.23 -11.65
C GLU A 300 -29.46 -4.83 -11.49
N GLN A 301 -28.22 -4.76 -10.99
CA GLN A 301 -27.49 -3.49 -10.71
C GLN A 301 -27.12 -2.79 -12.01
N ALA A 302 -26.83 -3.56 -13.07
CA ALA A 302 -26.45 -3.06 -14.42
C ALA A 302 -27.65 -2.39 -15.10
N SER A 303 -28.89 -2.71 -14.68
CA SER A 303 -30.15 -2.13 -15.22
C SER A 303 -30.17 -0.61 -14.98
N ASN A 304 -30.53 0.16 -16.00
CA ASN A 304 -30.60 1.64 -15.97
C ASN A 304 -29.19 2.21 -15.76
N ASP A 305 -28.22 1.68 -16.51
CA ASP A 305 -26.80 2.13 -16.54
C ASP A 305 -26.28 2.36 -15.11
N TYR A 306 -26.42 1.36 -14.24
CA TYR A 306 -25.78 1.29 -12.91
C TYR A 306 -26.19 2.50 -12.05
N ALA A 307 -27.47 2.84 -12.03
CA ALA A 307 -28.03 4.00 -11.28
C ALA A 307 -27.82 3.77 -9.77
N SER A 308 -28.02 2.54 -9.30
CA SER A 308 -27.85 2.13 -7.88
C SER A 308 -26.40 2.34 -7.44
N LEU A 309 -25.43 1.95 -8.27
CA LEU A 309 -23.98 2.10 -8.03
C LEU A 309 -23.64 3.61 -7.90
N ASP A 310 -24.20 4.44 -8.77
CA ASP A 310 -24.00 5.92 -8.76
C ASP A 310 -24.40 6.48 -7.39
N ASP A 311 -25.53 6.02 -6.83
CA ASP A 311 -26.06 6.45 -5.51
C ASP A 311 -25.10 5.98 -4.40
N ALA A 312 -24.62 4.74 -4.49
CA ALA A 312 -23.68 4.12 -3.53
C ALA A 312 -22.37 4.94 -3.49
N ARG A 313 -21.85 5.31 -4.67
CA ARG A 313 -20.59 6.09 -4.81
C ARG A 313 -20.76 7.45 -4.12
N ARG A 314 -21.90 8.12 -4.33
CA ARG A 314 -22.18 9.46 -3.76
C ARG A 314 -22.39 9.35 -2.24
N ALA A 315 -23.10 8.31 -1.78
CA ALA A 315 -23.33 8.01 -0.35
C ALA A 315 -22.00 7.79 0.38
N ALA A 316 -21.09 7.02 -0.22
CA ALA A 316 -19.76 6.64 0.33
C ALA A 316 -18.94 7.90 0.70
N LEU A 317 -18.95 8.91 -0.17
CA LEU A 317 -18.15 10.17 0.00
C LEU A 317 -18.60 10.93 1.25
N LYS A 318 -19.81 10.65 1.77
CA LYS A 318 -20.42 11.40 2.89
C LYS A 318 -20.30 10.63 4.22
N ARG A 319 -19.74 9.42 4.21
CA ARG A 319 -19.45 8.63 5.45
C ARG A 319 -18.41 9.40 6.27
N PRO A 320 -18.50 9.37 7.62
CA PRO A 320 -17.50 10.02 8.48
C PRO A 320 -16.04 9.82 8.04
N LEU A 321 -15.66 8.60 7.65
CA LEU A 321 -14.27 8.24 7.26
C LEU A 321 -13.81 9.17 6.12
N ASN A 322 -14.65 9.35 5.09
CA ASN A 322 -14.29 10.07 3.85
C ASN A 322 -14.41 11.59 4.06
N VAL A 323 -15.30 12.02 4.96
CA VAL A 323 -15.40 13.44 5.43
C VAL A 323 -14.07 13.81 6.12
N ALA A 324 -13.60 12.95 7.02
CA ALA A 324 -12.32 13.09 7.76
C ALA A 324 -11.15 13.06 6.77
N HIS A 325 -11.21 12.21 5.74
CA HIS A 325 -10.15 12.10 4.71
C HIS A 325 -9.98 13.45 4.00
N ALA A 326 -11.07 14.06 3.54
CA ALA A 326 -11.06 15.34 2.81
C ALA A 326 -10.42 16.42 3.71
N GLN A 327 -10.79 16.44 4.99
CA GLN A 327 -10.22 17.38 6.01
C GLN A 327 -8.71 17.15 6.13
N VAL A 328 -8.28 15.89 6.24
CA VAL A 328 -6.84 15.52 6.38
C VAL A 328 -6.09 15.92 5.10
N ARG A 329 -6.62 15.59 3.92
CA ARG A 329 -5.91 15.76 2.62
C ARG A 329 -5.78 17.25 2.29
N ALA A 330 -6.70 18.09 2.78
CA ALA A 330 -6.65 19.57 2.63
C ALA A 330 -5.52 20.15 3.48
N ALA A 331 -5.26 19.56 4.66
CA ALA A 331 -4.35 20.08 5.70
C ALA A 331 -2.95 19.44 5.61
N PHE A 332 -2.83 18.25 5.00
CA PHE A 332 -1.57 17.49 4.86
C PHE A 332 -1.32 17.17 3.39
N ARG A 333 -0.15 17.56 2.88
CA ARG A 333 0.29 17.26 1.49
C ARG A 333 0.78 15.81 1.44
N PHE A 334 0.29 15.04 0.46
CA PHE A 334 0.63 13.60 0.27
C PHE A 334 1.59 13.46 -0.92
N PRO A 335 2.61 12.57 -0.85
CA PRO A 335 3.53 12.38 -1.96
C PRO A 335 2.83 11.74 -3.16
N THR A 336 2.70 12.48 -4.26
CA THR A 336 2.11 12.04 -5.56
C THR A 336 3.15 12.21 -6.66
N GLU A 337 2.97 11.49 -7.77
CA GLU A 337 3.79 11.63 -9.01
C GLU A 337 2.91 12.21 -10.12
N ALA A 338 3.46 13.11 -10.94
CA ALA A 338 2.79 13.73 -12.11
C ALA A 338 2.26 12.62 -13.03
N ALA A 339 0.96 12.68 -13.39
CA ALA A 339 0.24 11.70 -14.23
C ALA A 339 -0.08 12.30 -15.60
N GLY A 340 0.36 13.54 -15.86
CA GLY A 340 0.13 14.26 -17.13
C GLY A 340 0.88 13.61 -18.28
N GLY A 341 0.16 13.16 -19.30
CA GLY A 341 0.73 12.47 -20.48
C GLY A 341 1.35 11.14 -20.13
N LEU A 342 0.90 10.52 -19.02
CA LEU A 342 1.36 9.16 -18.58
C LEU A 342 1.07 8.15 -19.70
N TYR A 343 -0.02 8.34 -20.44
CA TYR A 343 -0.52 7.41 -21.49
C TYR A 343 -0.18 7.92 -22.89
N GLN A 344 0.56 9.03 -23.00
CA GLN A 344 1.04 9.58 -24.31
C GLN A 344 2.30 8.81 -24.71
N ALA A 345 2.63 8.82 -26.01
CA ALA A 345 3.68 7.99 -26.64
C ALA A 345 5.02 8.16 -25.90
N ALA A 346 5.74 7.05 -25.69
CA ALA A 346 7.05 6.98 -25.00
C ALA A 346 8.17 6.84 -26.03
N ASN B 7 -9.24 24.30 14.19
CA ASN B 7 -8.85 24.01 15.61
C ASN B 7 -7.41 23.45 15.66
N ASP B 8 -7.07 22.54 14.76
CA ASP B 8 -5.76 21.84 14.72
C ASP B 8 -4.65 22.82 14.30
N LEU B 9 -3.47 22.67 14.90
CA LEU B 9 -2.24 23.49 14.65
C LEU B 9 -1.28 22.65 13.79
N ILE B 10 -1.20 22.93 12.49
CA ILE B 10 -0.43 22.13 11.49
C ILE B 10 0.59 23.02 10.80
N TYR B 11 1.87 22.66 10.88
CA TYR B 11 3.01 23.39 10.29
C TYR B 11 3.43 22.73 8.97
N GLN B 12 3.56 23.53 7.92
CA GLN B 12 4.18 23.14 6.62
C GLN B 12 5.44 24.00 6.43
N ASP B 13 6.05 23.95 5.23
CA ASP B 13 7.38 24.56 4.94
C ASP B 13 7.35 26.06 5.26
N GLU B 14 6.25 26.74 4.94
CA GLU B 14 6.06 28.20 5.13
C GLU B 14 6.06 28.57 6.63
N HIS B 15 5.88 27.59 7.53
CA HIS B 15 5.72 27.80 9.00
C HIS B 15 7.01 27.40 9.75
N ALA B 16 8.11 27.10 9.05
CA ALA B 16 9.39 26.67 9.66
C ALA B 16 10.56 27.13 8.77
N SER B 17 11.77 27.17 9.35
CA SER B 17 13.04 27.49 8.65
C SER B 17 14.19 26.70 9.30
N LEU B 18 15.36 26.71 8.66
CA LEU B 18 16.59 26.04 9.15
C LEU B 18 17.43 27.01 9.98
N GLN B 19 16.99 28.27 10.10
CA GLN B 19 17.71 29.35 10.83
C GLN B 19 18.08 28.88 12.24
N PRO B 20 17.15 28.28 13.03
CA PRO B 20 17.48 27.83 14.38
C PRO B 20 18.56 26.73 14.50
N LEU B 21 18.95 26.10 13.39
CA LEU B 21 19.99 25.02 13.38
C LEU B 21 21.35 25.59 12.92
N GLU B 22 21.39 26.87 12.52
CA GLU B 22 22.65 27.55 12.11
C GLU B 22 23.66 27.48 13.26
N GLY B 23 24.80 26.83 13.03
CA GLY B 23 25.91 26.70 14.00
C GLY B 23 25.60 25.71 15.12
N ARG B 24 24.55 24.89 14.99
CA ARG B 24 24.14 23.90 16.02
C ARG B 24 24.50 22.49 15.56
N THR B 25 24.91 21.64 16.50
CA THR B 25 25.20 20.19 16.28
C THR B 25 24.03 19.37 16.82
N VAL B 26 23.50 18.45 16.01
CA VAL B 26 22.46 17.47 16.40
C VAL B 26 23.18 16.13 16.68
N ALA B 27 23.00 15.59 17.89
CA ALA B 27 23.40 14.22 18.27
C ALA B 27 22.22 13.28 17.99
N VAL B 28 22.34 12.44 16.97
CA VAL B 28 21.36 11.36 16.67
C VAL B 28 21.76 10.14 17.51
N ILE B 29 21.00 9.85 18.57
CA ILE B 29 21.23 8.68 19.47
C ILE B 29 20.47 7.48 18.91
N GLY B 30 21.20 6.49 18.41
CA GLY B 30 20.66 5.36 17.64
C GLY B 30 20.82 5.59 16.14
N TYR B 31 21.02 4.50 15.37
CA TYR B 31 21.18 4.52 13.90
C TYR B 31 20.34 3.39 13.31
N GLY B 32 19.17 3.14 13.90
CA GLY B 32 18.21 2.11 13.47
C GLY B 32 17.27 2.63 12.40
N ILE B 33 16.02 2.15 12.42
CA ILE B 33 14.98 2.48 11.40
C ILE B 33 14.82 4.01 11.33
N GLN B 34 14.68 4.67 12.48
CA GLN B 34 14.45 6.15 12.56
C GLN B 34 15.79 6.90 12.52
N GLY B 35 16.75 6.48 13.35
CA GLY B 35 18.06 7.15 13.51
C GLY B 35 18.77 7.37 12.18
N ARG B 36 18.82 6.33 11.35
CA ARG B 36 19.52 6.34 10.03
C ARG B 36 18.88 7.39 9.11
N ALA B 37 17.54 7.44 9.09
CA ALA B 37 16.73 8.36 8.26
C ALA B 37 16.95 9.80 8.70
N PHE B 38 16.85 10.08 10.01
CA PHE B 38 17.08 11.42 10.62
C PHE B 38 18.50 11.88 10.28
N ALA B 39 19.49 11.02 10.55
CA ALA B 39 20.93 11.29 10.35
C ALA B 39 21.21 11.70 8.90
N ALA B 40 20.69 10.93 7.94
CA ALA B 40 20.89 11.12 6.48
C ALA B 40 20.23 12.42 6.01
N ASN B 41 18.96 12.62 6.37
CA ASN B 41 18.16 13.81 5.97
C ASN B 41 18.77 15.08 6.59
N LEU B 42 19.14 15.04 7.87
CA LEU B 42 19.77 16.19 8.57
C LEU B 42 21.06 16.59 7.85
N ARG B 43 21.94 15.61 7.56
CA ARG B 43 23.24 15.82 6.88
C ARG B 43 23.03 16.46 5.50
N ASP B 44 22.07 15.96 4.72
CA ASP B 44 21.80 16.42 3.33
C ASP B 44 21.20 17.82 3.37
N SER B 45 20.54 18.20 4.48
CA SER B 45 19.91 19.53 4.69
C SER B 45 20.93 20.56 5.18
N GLY B 46 22.19 20.15 5.40
CA GLY B 46 23.30 21.05 5.77
C GLY B 46 23.43 21.24 7.27
N VAL B 47 22.83 20.35 8.06
CA VAL B 47 22.88 20.39 9.56
C VAL B 47 24.05 19.52 10.02
N ALA B 48 24.88 20.03 10.92
CA ALA B 48 26.00 19.29 11.56
C ALA B 48 25.41 18.15 12.39
N VAL B 49 25.73 16.91 12.03
CA VAL B 49 25.21 15.67 12.69
C VAL B 49 26.39 14.90 13.30
N ARG B 50 26.21 14.33 14.48
CA ARG B 50 27.06 13.25 15.03
C ARG B 50 26.14 12.14 15.57
N VAL B 51 26.59 10.88 15.46
CA VAL B 51 25.80 9.69 15.89
C VAL B 51 26.39 9.17 17.20
N GLY B 52 25.54 9.03 18.23
CA GLY B 52 25.84 8.30 19.47
C GLY B 52 25.20 6.93 19.42
N ASN B 53 26.00 5.87 19.57
CA ASN B 53 25.54 4.46 19.43
C ASN B 53 26.41 3.55 20.28
N ILE B 54 25.80 2.51 20.85
CA ILE B 54 26.48 1.38 21.55
C ILE B 54 27.28 0.58 20.52
N ASP B 55 28.12 -0.34 20.98
CA ASP B 55 29.05 -1.13 20.12
C ASP B 55 28.29 -2.32 19.50
N ASP B 56 27.62 -2.09 18.37
CA ASP B 56 26.84 -3.13 17.63
C ASP B 56 26.91 -2.82 16.12
N ARG B 57 26.14 -3.54 15.30
CA ARG B 57 26.21 -3.47 13.81
C ARG B 57 25.86 -2.05 13.33
N TYR B 58 24.99 -1.34 14.05
CA TYR B 58 24.52 0.03 13.71
C TYR B 58 25.66 1.04 13.83
N PHE B 59 26.53 0.87 14.83
CA PHE B 59 27.76 1.68 15.03
C PHE B 59 28.62 1.61 13.77
N GLU B 60 28.83 0.40 13.23
CA GLU B 60 29.67 0.16 12.03
C GLU B 60 28.97 0.73 10.79
N LEU B 61 27.66 0.53 10.67
CA LEU B 61 26.87 1.05 9.52
C LEU B 61 27.02 2.56 9.45
N ALA B 62 26.89 3.25 10.60
CA ALA B 62 27.01 4.72 10.71
C ALA B 62 28.40 5.17 10.23
N ARG B 63 29.45 4.44 10.62
CA ARG B 63 30.85 4.69 10.18
C ARG B 63 30.94 4.44 8.67
N ALA B 64 30.37 3.34 8.19
CA ALA B 64 30.37 2.93 6.76
C ALA B 64 29.72 4.02 5.89
N GLU B 65 28.71 4.72 6.42
CA GLU B 65 27.92 5.73 5.67
C GLU B 65 28.42 7.15 5.98
N GLY B 66 29.62 7.27 6.55
CA GLY B 66 30.43 8.51 6.54
C GLY B 66 30.12 9.43 7.70
N HIS B 67 29.45 8.95 8.75
CA HIS B 67 29.07 9.75 9.94
C HIS B 67 30.23 9.76 10.95
N ARG B 68 30.34 10.86 11.70
CA ARG B 68 31.16 10.96 12.94
C ARG B 68 30.42 10.18 14.03
N VAL B 69 30.97 9.03 14.44
CA VAL B 69 30.29 8.08 15.38
C VAL B 69 31.15 7.93 16.64
N THR B 70 30.49 8.00 17.81
CA THR B 70 31.08 7.79 19.15
C THR B 70 30.06 7.03 20.01
N ASN B 71 30.43 6.72 21.27
CA ASN B 71 29.49 6.29 22.32
C ASN B 71 28.45 7.39 22.55
N ILE B 72 27.36 7.09 23.25
CA ILE B 72 26.18 7.98 23.42
C ILE B 72 26.60 9.20 24.25
N ALA B 73 27.24 8.98 25.41
CA ALA B 73 27.64 10.04 26.36
C ALA B 73 28.43 11.14 25.63
N GLU B 74 29.38 10.75 24.78
CA GLU B 74 30.30 11.69 24.07
C GLU B 74 29.52 12.48 23.01
N ALA B 75 28.59 11.84 22.30
CA ALA B 75 27.71 12.48 21.29
C ALA B 75 26.88 13.57 21.96
N VAL B 76 26.27 13.26 23.11
CA VAL B 76 25.38 14.18 23.89
C VAL B 76 26.20 15.39 24.36
N ALA B 77 27.44 15.15 24.82
CA ALA B 77 28.33 16.17 25.43
C ALA B 77 28.68 17.27 24.42
N HIS B 78 28.66 16.97 23.12
CA HIS B 78 29.10 17.87 22.01
C HIS B 78 27.91 18.28 21.13
N ALA B 79 26.69 18.32 21.69
CA ALA B 79 25.44 18.53 20.93
C ALA B 79 24.58 19.62 21.57
N ASP B 80 23.96 20.46 20.74
CA ASP B 80 22.95 21.48 21.11
C ASP B 80 21.56 20.84 21.08
N ILE B 81 21.36 19.82 20.25
CA ILE B 81 20.07 19.07 20.08
C ILE B 81 20.38 17.58 20.10
N VAL B 82 19.61 16.81 20.88
CA VAL B 82 19.75 15.33 21.03
C VAL B 82 18.41 14.68 20.64
N LEU B 83 18.43 13.79 19.65
CA LEU B 83 17.26 12.97 19.25
C LEU B 83 17.47 11.54 19.78
N LEU B 84 16.61 11.10 20.71
CA LEU B 84 16.71 9.78 21.38
C LEU B 84 15.94 8.76 20.54
N LEU B 85 16.61 8.14 19.56
CA LEU B 85 15.99 7.25 18.54
C LEU B 85 16.48 5.81 18.76
N ILE B 86 16.21 5.27 19.95
CA ILE B 86 16.48 3.86 20.35
C ILE B 86 15.19 3.28 20.92
N PRO B 87 15.08 1.93 21.08
CA PRO B 87 13.88 1.32 21.65
C PRO B 87 13.45 1.96 22.98
N ASP B 88 12.14 2.10 23.16
CA ASP B 88 11.49 2.90 24.23
C ASP B 88 11.85 2.32 25.61
N GLU B 89 12.04 1.00 25.72
CA GLU B 89 12.37 0.33 27.01
C GLU B 89 13.82 0.64 27.43
N ALA B 90 14.67 1.05 26.48
CA ALA B 90 16.09 1.39 26.74
C ALA B 90 16.24 2.86 27.14
N HIS B 91 15.19 3.67 27.00
CA HIS B 91 15.18 5.14 27.28
C HIS B 91 15.61 5.39 28.74
N GLY B 92 14.98 4.70 29.70
CA GLY B 92 15.20 4.90 31.15
C GLY B 92 16.68 4.88 31.52
N ALA B 93 17.38 3.78 31.23
CA ALA B 93 18.80 3.56 31.59
C ALA B 93 19.71 4.54 30.83
N VAL B 94 19.49 4.73 29.53
CA VAL B 94 20.33 5.60 28.66
C VAL B 94 20.17 7.06 29.11
N PHE B 95 18.95 7.48 29.45
CA PHE B 95 18.64 8.85 29.94
C PHE B 95 19.42 9.12 31.22
N ASP B 96 19.28 8.23 32.21
CA ASP B 96 19.87 8.37 33.57
C ASP B 96 21.40 8.37 33.51
N VAL B 97 21.99 7.46 32.72
CA VAL B 97 23.46 7.19 32.72
C VAL B 97 24.17 8.07 31.68
N ASP B 98 23.63 8.17 30.46
CA ASP B 98 24.36 8.69 29.27
C ASP B 98 23.91 10.12 28.91
N ILE B 99 22.62 10.44 29.00
CA ILE B 99 22.05 11.72 28.47
C ILE B 99 22.05 12.80 29.56
N ALA B 100 21.25 12.62 30.61
CA ALA B 100 20.97 13.64 31.66
C ALA B 100 22.28 14.23 32.20
N PRO B 101 23.29 13.41 32.57
CA PRO B 101 24.57 13.96 33.06
C PRO B 101 25.41 14.76 32.03
N ASN B 102 25.13 14.62 30.73
CA ASN B 102 25.96 15.19 29.63
C ASN B 102 25.20 16.26 28.84
N LEU B 103 23.88 16.39 29.07
CA LEU B 103 23.01 17.34 28.32
C LEU B 103 23.40 18.77 28.74
N ARG B 104 23.93 19.54 27.79
CA ARG B 104 24.41 20.93 28.02
C ARG B 104 23.27 21.81 28.53
N ASP B 105 23.62 22.93 29.15
CA ASP B 105 22.69 24.05 29.49
C ASP B 105 22.06 24.52 28.17
N GLY B 106 20.72 24.63 28.13
CA GLY B 106 19.96 25.18 26.99
C GLY B 106 19.81 24.20 25.84
N ALA B 107 20.24 22.94 26.01
CA ALA B 107 20.14 21.88 24.99
C ALA B 107 18.69 21.39 24.90
N LEU B 108 18.30 20.85 23.75
CA LEU B 108 16.96 20.26 23.47
C LEU B 108 17.10 18.73 23.36
N LEU B 109 16.29 17.99 24.12
CA LEU B 109 16.13 16.51 23.97
C LEU B 109 14.79 16.23 23.29
N CYS B 110 14.80 15.43 22.23
CA CYS B 110 13.60 15.01 21.47
C CYS B 110 13.44 13.50 21.53
N VAL B 111 12.21 13.02 21.74
CA VAL B 111 11.79 11.60 21.56
C VAL B 111 10.85 11.55 20.35
N ALA B 112 10.80 10.40 19.66
CA ALA B 112 9.97 10.18 18.44
C ALA B 112 8.70 9.38 18.80
N HIS B 113 8.42 9.23 20.09
CA HIS B 113 7.27 8.45 20.63
C HIS B 113 7.08 8.85 22.10
N GLY B 114 5.83 9.04 22.54
CA GLY B 114 5.50 9.61 23.86
C GLY B 114 5.62 8.60 24.99
N HIS B 115 5.83 7.31 24.69
CA HIS B 115 5.70 6.20 25.67
C HIS B 115 6.59 6.43 26.89
N SER B 116 7.88 6.77 26.68
CA SER B 116 8.89 6.95 27.75
C SER B 116 8.53 8.18 28.61
N LEU B 117 7.85 9.17 28.02
CA LEU B 117 7.37 10.40 28.73
C LEU B 117 6.19 10.03 29.64
N VAL B 118 5.24 9.24 29.13
CA VAL B 118 4.04 8.77 29.88
C VAL B 118 4.52 7.96 31.10
N GLN B 119 5.56 7.14 30.94
CA GLN B 119 6.07 6.20 31.98
C GLN B 119 7.02 6.93 32.94
N GLY B 120 7.50 8.13 32.58
CA GLY B 120 8.42 8.94 33.39
C GLY B 120 9.85 8.46 33.31
N ASP B 121 10.21 7.72 32.25
CA ASP B 121 11.58 7.21 31.99
C ASP B 121 12.44 8.35 31.42
N VAL B 122 11.82 9.26 30.66
CA VAL B 122 12.44 10.55 30.23
C VAL B 122 11.62 11.67 30.87
N ARG B 123 12.30 12.64 31.48
CA ARG B 123 11.70 13.71 32.33
C ARG B 123 12.32 15.05 31.95
N PRO B 124 11.60 16.17 32.18
CA PRO B 124 12.17 17.50 31.97
C PRO B 124 13.35 17.72 32.93
N LEU B 125 14.42 18.35 32.43
CA LEU B 125 15.61 18.74 33.22
C LEU B 125 15.67 20.26 33.30
N PRO B 126 15.98 20.84 34.49
CA PRO B 126 16.14 22.29 34.61
C PRO B 126 17.23 22.82 33.65
N GLY B 127 16.92 23.92 32.95
CA GLY B 127 17.85 24.59 32.03
C GLY B 127 17.82 24.01 30.62
N ARG B 128 17.02 22.96 30.39
CA ARG B 128 16.98 22.23 29.09
C ARG B 128 15.54 22.15 28.57
N ASP B 129 15.40 21.89 27.26
CA ASP B 129 14.10 21.73 26.56
C ASP B 129 13.83 20.24 26.34
N LEU B 130 12.57 19.83 26.44
CA LEU B 130 12.11 18.43 26.17
C LEU B 130 10.94 18.48 25.19
N ALA B 131 10.97 17.65 24.13
CA ALA B 131 9.94 17.64 23.08
C ALA B 131 9.72 16.23 22.52
N MET B 132 8.56 16.03 21.90
CA MET B 132 8.24 14.86 21.05
C MET B 132 8.12 15.34 19.60
N LEU B 133 8.88 14.73 18.68
CA LEU B 133 8.69 14.85 17.21
C LEU B 133 8.53 13.43 16.66
N ALA B 134 7.29 12.99 16.47
CA ALA B 134 6.90 11.59 16.20
C ALA B 134 6.43 11.46 14.75
N PRO B 135 7.29 10.93 13.82
CA PRO B 135 6.87 10.70 12.44
C PRO B 135 5.78 9.63 12.38
N ARG B 136 4.88 9.72 11.38
CA ARG B 136 3.75 8.77 11.19
C ARG B 136 4.13 7.77 10.10
N MET B 137 5.43 7.44 9.99
CA MET B 137 6.01 6.65 8.88
C MET B 137 7.35 6.05 9.35
N TYR B 138 7.74 4.90 8.80
CA TYR B 138 9.04 4.24 9.11
C TYR B 138 10.13 4.82 8.20
N GLY B 139 11.37 4.36 8.38
CA GLY B 139 12.61 5.04 7.95
C GLY B 139 12.75 5.14 6.44
N ASP B 140 12.63 4.02 5.73
CA ASP B 140 12.89 3.94 4.26
C ASP B 140 12.01 4.97 3.54
N PRO B 141 10.66 4.98 3.73
CA PRO B 141 9.82 6.01 3.11
C PRO B 141 10.13 7.46 3.52
N ILE B 142 10.48 7.70 4.79
CA ILE B 142 10.93 9.05 5.27
C ILE B 142 12.11 9.50 4.39
N ARG B 143 13.04 8.58 4.11
CA ARG B 143 14.29 8.85 3.35
C ARG B 143 13.95 9.06 1.86
N ARG B 144 13.16 8.15 1.26
CA ARG B 144 12.77 8.21 -0.17
C ARG B 144 11.96 9.50 -0.44
N TYR B 145 10.95 9.77 0.39
CA TYR B 145 10.09 10.99 0.28
C TYR B 145 10.96 12.24 0.32
N TYR B 146 11.89 12.32 1.28
CA TYR B 146 12.83 13.46 1.45
C TYR B 146 13.59 13.69 0.14
N LEU B 147 14.17 12.64 -0.44
CA LEU B 147 15.02 12.72 -1.66
C LEU B 147 14.18 13.16 -2.87
N ALA B 148 12.86 12.95 -2.81
CA ALA B 148 11.89 13.30 -3.89
C ALA B 148 11.34 14.72 -3.67
N GLY B 149 11.83 15.45 -2.66
CA GLY B 149 11.32 16.78 -2.29
C GLY B 149 9.97 16.70 -1.61
N GLN B 150 9.64 15.54 -1.06
CA GLN B 150 8.35 15.25 -0.35
C GLN B 150 8.67 14.94 1.11
N GLY B 151 7.67 14.50 1.89
CA GLY B 151 7.87 14.18 3.31
C GLY B 151 6.76 13.34 3.89
N ALA B 152 7.00 12.76 5.06
CA ALA B 152 6.02 12.01 5.87
C ALA B 152 5.43 12.96 6.91
N PRO B 153 4.17 12.77 7.35
CA PRO B 153 3.59 13.58 8.41
C PRO B 153 4.27 13.27 9.76
N ALA B 154 4.13 14.18 10.73
CA ALA B 154 4.63 14.02 12.11
C ALA B 154 3.69 14.74 13.08
N TYR B 155 3.64 14.27 14.33
CA TYR B 155 3.02 14.98 15.47
C TYR B 155 4.13 15.52 16.37
N PHE B 156 3.92 16.66 17.00
CA PHE B 156 4.92 17.27 17.92
C PHE B 156 4.23 17.77 19.19
N ASP B 157 5.00 17.80 20.28
CA ASP B 157 4.57 18.33 21.60
C ASP B 157 5.80 18.96 22.27
N ILE B 158 5.72 20.24 22.63
CA ILE B 158 6.74 20.94 23.45
C ILE B 158 6.40 20.67 24.92
N VAL B 159 7.17 19.78 25.58
CA VAL B 159 6.89 19.27 26.96
C VAL B 159 7.49 20.23 27.98
N ALA B 160 8.71 20.71 27.74
CA ALA B 160 9.41 21.71 28.59
C ALA B 160 10.22 22.64 27.69
N ASP B 161 10.20 23.94 28.00
CA ASP B 161 10.78 25.02 27.14
C ASP B 161 11.46 26.06 28.04
N HIS B 162 12.56 25.69 28.70
CA HIS B 162 13.38 26.61 29.53
C HIS B 162 13.90 27.76 28.66
N THR B 163 14.39 27.43 27.46
CA THR B 163 15.06 28.37 26.52
C THR B 163 14.05 29.37 25.94
N GLY B 164 12.80 28.94 25.75
CA GLY B 164 11.77 29.70 25.00
C GLY B 164 11.97 29.58 23.49
N ARG B 165 12.91 28.74 23.04
CA ARG B 165 13.25 28.54 21.61
C ARG B 165 13.08 27.06 21.23
N ALA B 166 12.47 26.25 22.10
CA ALA B 166 12.21 24.80 21.87
C ALA B 166 11.38 24.61 20.59
N ARG B 167 10.26 25.34 20.48
CA ARG B 167 9.26 25.16 19.38
C ARG B 167 9.96 25.30 18.02
N ASP B 168 10.69 26.40 17.81
CA ASP B 168 11.31 26.73 16.50
C ASP B 168 12.41 25.72 16.17
N ARG B 169 13.13 25.23 17.19
CA ARG B 169 14.23 24.24 17.01
C ARG B 169 13.63 22.88 16.63
N VAL B 170 12.55 22.45 17.29
CA VAL B 170 11.82 21.19 16.98
C VAL B 170 11.31 21.26 15.53
N LEU B 171 10.67 22.36 15.14
CA LEU B 171 10.08 22.53 13.79
C LEU B 171 11.19 22.67 12.74
N ALA B 172 12.36 23.20 13.13
CA ALA B 172 13.55 23.30 12.26
C ALA B 172 14.08 21.89 11.96
N ILE B 173 14.19 21.04 12.98
CA ILE B 173 14.53 19.59 12.82
C ILE B 173 13.50 18.98 11.86
N ALA B 174 12.20 19.17 12.14
CA ALA B 174 11.08 18.64 11.32
C ALA B 174 11.24 19.09 9.86
N ARG B 175 11.60 20.35 9.62
CA ARG B 175 11.81 20.87 8.23
C ARG B 175 13.03 20.21 7.59
N ALA B 176 14.15 20.11 8.31
CA ALA B 176 15.42 19.52 7.83
C ALA B 176 15.24 18.05 7.43
N VAL B 177 14.31 17.34 8.08
CA VAL B 177 14.05 15.89 7.85
C VAL B 177 12.90 15.72 6.84
N GLY B 178 12.16 16.80 6.54
CA GLY B 178 11.21 16.88 5.43
C GLY B 178 9.75 16.75 5.88
N PHE B 179 9.49 16.63 7.18
CA PHE B 179 8.13 16.37 7.72
C PHE B 179 7.17 17.52 7.39
N THR B 180 7.68 18.76 7.32
CA THR B 180 6.87 19.98 7.06
C THR B 180 6.42 20.05 5.60
N ARG B 181 6.99 19.23 4.71
CA ARG B 181 6.52 19.14 3.30
C ARG B 181 5.19 18.37 3.24
N ALA B 182 4.92 17.52 4.24
CA ALA B 182 3.62 16.85 4.45
C ALA B 182 2.77 17.70 5.39
N GLY B 183 3.24 17.89 6.62
CA GLY B 183 2.52 18.59 7.70
C GLY B 183 2.93 18.05 9.06
N VAL B 184 3.21 18.95 10.00
CA VAL B 184 3.59 18.60 11.40
C VAL B 184 2.52 19.21 12.32
N MET B 185 1.72 18.35 12.96
CA MET B 185 0.54 18.76 13.77
C MET B 185 0.87 18.63 15.27
N ALA B 186 0.46 19.63 16.06
CA ALA B 186 0.53 19.61 17.54
C ALA B 186 -0.40 18.50 18.06
N LEU B 187 0.15 17.59 18.88
CA LEU B 187 -0.63 16.52 19.57
C LEU B 187 0.12 16.14 20.85
N GLY B 188 -0.59 15.99 21.96
CA GLY B 188 -0.04 15.61 23.27
C GLY B 188 0.68 14.26 23.19
N TYR B 189 1.77 14.11 23.93
CA TYR B 189 2.64 12.91 23.92
C TYR B 189 1.85 11.68 24.38
N ARG B 190 0.92 11.88 25.32
CA ARG B 190 0.06 10.81 25.90
C ARG B 190 -0.89 10.29 24.82
N GLN B 191 -1.58 11.16 24.10
CA GLN B 191 -2.52 10.76 23.01
C GLN B 191 -1.72 10.05 21.90
N GLU B 192 -0.57 10.61 21.50
CA GLU B 192 0.31 10.03 20.45
C GLU B 192 0.68 8.60 20.84
N THR B 193 1.08 8.37 22.09
CA THR B 193 1.44 7.03 22.63
C THR B 193 0.30 6.04 22.35
N PHE B 194 -0.92 6.38 22.77
CA PHE B 194 -2.11 5.47 22.73
C PHE B 194 -2.52 5.23 21.27
N LEU B 195 -2.57 6.30 20.46
CA LEU B 195 -2.82 6.23 18.99
C LEU B 195 -1.84 5.25 18.34
N ASP B 196 -0.55 5.46 18.61
CA ASP B 196 0.58 4.73 17.97
C ASP B 196 0.47 3.24 18.31
N LEU B 197 0.28 2.92 19.59
CA LEU B 197 0.21 1.51 20.08
C LEU B 197 -1.07 0.84 19.55
N PHE B 198 -2.16 1.60 19.39
CA PHE B 198 -3.46 1.11 18.85
C PHE B 198 -3.28 0.63 17.40
N GLN B 199 -2.62 1.45 16.58
CA GLN B 199 -2.32 1.13 15.16
C GLN B 199 -1.51 -0.17 15.09
N GLU B 200 -0.58 -0.36 16.02
CA GLU B 200 0.38 -1.50 16.03
C GLU B 200 -0.26 -2.77 16.62
N GLN B 201 -1.24 -2.62 17.52
CA GLN B 201 -1.78 -3.74 18.34
C GLN B 201 -3.16 -4.18 17.86
N PHE B 202 -3.99 -3.27 17.33
CA PHE B 202 -5.31 -3.62 16.75
C PHE B 202 -5.22 -3.65 15.22
N LEU B 203 -4.90 -2.52 14.59
CA LEU B 203 -5.13 -2.34 13.12
C LEU B 203 -4.21 -3.25 12.31
N ALA B 204 -2.89 -3.18 12.51
CA ALA B 204 -1.88 -3.91 11.72
C ALA B 204 -2.11 -5.42 11.85
N PRO B 205 -2.19 -6.00 13.07
CA PRO B 205 -2.49 -7.42 13.23
C PRO B 205 -3.82 -7.86 12.57
N ALA B 206 -4.86 -7.04 12.70
CA ALA B 206 -6.21 -7.34 12.15
C ALA B 206 -6.17 -7.31 10.61
N LEU B 207 -5.43 -6.36 10.02
CA LEU B 207 -5.27 -6.26 8.54
C LEU B 207 -4.59 -7.53 8.03
N VAL B 208 -3.49 -7.95 8.67
CA VAL B 208 -2.71 -9.15 8.26
C VAL B 208 -3.54 -10.41 8.52
N ASP B 209 -4.25 -10.47 9.66
CA ASP B 209 -5.18 -11.57 10.01
C ASP B 209 -6.26 -11.70 8.92
N LEU B 210 -6.73 -10.56 8.39
CA LEU B 210 -7.78 -10.49 7.35
C LEU B 210 -7.23 -11.06 6.04
N VAL B 211 -6.04 -10.59 5.64
CA VAL B 211 -5.31 -11.05 4.43
C VAL B 211 -5.08 -12.57 4.55
N GLU B 212 -4.69 -13.02 5.74
CA GLU B 212 -4.39 -14.45 6.04
C GLU B 212 -5.68 -15.27 5.95
N THR B 213 -6.77 -14.79 6.53
CA THR B 213 -8.13 -15.42 6.48
C THR B 213 -8.53 -15.61 5.02
N GLY B 214 -8.38 -14.57 4.19
CA GLY B 214 -8.63 -14.61 2.74
C GLY B 214 -7.88 -15.76 2.09
N PHE B 215 -6.56 -15.82 2.30
CA PHE B 215 -5.66 -16.86 1.76
C PHE B 215 -6.13 -18.26 2.20
N GLN B 216 -6.27 -18.46 3.52
CA GLN B 216 -6.60 -19.77 4.14
C GLN B 216 -7.92 -20.29 3.54
N VAL B 217 -8.94 -19.43 3.42
CA VAL B 217 -10.30 -19.81 2.91
C VAL B 217 -10.16 -20.25 1.44
N LEU B 218 -9.46 -19.46 0.61
CA LEU B 218 -9.28 -19.74 -0.83
C LEU B 218 -8.56 -21.09 -1.02
N VAL B 219 -7.43 -21.28 -0.33
CA VAL B 219 -6.60 -22.52 -0.43
C VAL B 219 -7.49 -23.71 -0.07
N GLU B 220 -8.24 -23.62 1.02
CA GLU B 220 -9.12 -24.71 1.51
C GLU B 220 -10.22 -25.00 0.49
N ARG B 221 -10.64 -24.02 -0.32
CA ARG B 221 -11.72 -24.17 -1.32
C ARG B 221 -11.15 -24.59 -2.69
N GLY B 222 -9.88 -24.99 -2.75
CA GLY B 222 -9.26 -25.63 -3.94
C GLY B 222 -8.61 -24.63 -4.89
N PHE B 223 -8.52 -23.35 -4.50
CA PHE B 223 -7.88 -22.29 -5.32
C PHE B 223 -6.36 -22.50 -5.30
N ASN B 224 -5.72 -22.27 -6.46
CA ASN B 224 -4.24 -22.31 -6.64
C ASN B 224 -3.61 -21.46 -5.55
N PRO B 225 -2.77 -22.05 -4.65
CA PRO B 225 -2.15 -21.30 -3.55
C PRO B 225 -1.37 -20.05 -3.98
N LYS B 226 -0.62 -20.12 -5.09
CA LYS B 226 0.16 -18.97 -5.62
C LYS B 226 -0.80 -17.84 -5.99
N ALA B 227 -1.89 -18.15 -6.69
CA ALA B 227 -2.93 -17.18 -7.13
C ALA B 227 -3.60 -16.57 -5.90
N ALA B 228 -4.00 -17.40 -4.93
CA ALA B 228 -4.63 -16.97 -3.66
C ALA B 228 -3.75 -15.93 -2.98
N LEU B 229 -2.45 -16.21 -2.84
CA LEU B 229 -1.46 -15.33 -2.17
C LEU B 229 -1.37 -14.01 -2.95
N LEU B 230 -1.23 -14.07 -4.27
CA LEU B 230 -1.10 -12.87 -5.14
C LEU B 230 -2.30 -11.95 -4.94
N GLU B 231 -3.51 -12.51 -4.94
CA GLU B 231 -4.78 -11.72 -4.90
C GLU B 231 -4.92 -11.01 -3.54
N VAL B 232 -4.57 -11.68 -2.44
CA VAL B 232 -4.82 -11.16 -1.07
C VAL B 232 -3.76 -10.11 -0.71
N TYR B 233 -2.58 -10.09 -1.35
CA TYR B 233 -1.58 -9.01 -1.18
C TYR B 233 -0.36 -9.16 -2.09
N GLY B 234 0.03 -10.40 -2.45
CA GLY B 234 1.29 -10.72 -3.13
C GLY B 234 1.50 -9.98 -4.44
N SER B 235 0.42 -9.69 -5.17
CA SER B 235 0.43 -8.97 -6.47
C SER B 235 0.78 -7.49 -6.24
N GLY B 236 0.53 -6.97 -5.04
CA GLY B 236 0.71 -5.56 -4.67
C GLY B 236 -0.56 -4.75 -4.90
N GLU B 237 -1.62 -5.37 -5.42
CA GLU B 237 -2.87 -4.67 -5.80
C GLU B 237 -3.55 -4.10 -4.54
N MET B 238 -3.69 -4.90 -3.49
CA MET B 238 -4.32 -4.46 -2.21
C MET B 238 -3.45 -3.37 -1.58
N GLY B 239 -2.13 -3.50 -1.65
CA GLY B 239 -1.15 -2.49 -1.19
C GLY B 239 -1.33 -1.17 -1.93
N LYS B 240 -1.42 -1.23 -3.27
CA LYS B 240 -1.62 -0.05 -4.15
C LYS B 240 -2.96 0.62 -3.83
N MET B 241 -4.01 -0.17 -3.60
CA MET B 241 -5.36 0.34 -3.23
C MET B 241 -5.25 1.17 -1.93
N MET B 242 -4.57 0.62 -0.93
CA MET B 242 -4.44 1.24 0.42
C MET B 242 -3.56 2.50 0.33
N LEU B 243 -2.49 2.48 -0.46
CA LEU B 243 -1.53 3.63 -0.59
C LEU B 243 -2.17 4.72 -1.46
N ASP B 244 -2.77 4.35 -2.60
CA ASP B 244 -3.54 5.29 -3.46
C ASP B 244 -4.73 5.84 -2.66
N GLY B 245 -5.33 4.99 -1.82
CA GLY B 245 -6.43 5.35 -0.90
C GLY B 245 -6.03 6.44 0.07
N ALA B 246 -4.80 6.41 0.58
CA ALA B 246 -4.22 7.44 1.47
C ALA B 246 -4.26 8.80 0.77
N ASP B 247 -4.02 8.83 -0.55
CA ASP B 247 -4.02 10.08 -1.36
C ASP B 247 -5.46 10.57 -1.57
N ILE B 248 -6.29 9.81 -2.28
CA ILE B 248 -7.60 10.30 -2.83
C ILE B 248 -8.79 9.74 -2.03
N GLY B 249 -8.56 8.81 -1.10
CA GLY B 249 -9.63 8.15 -0.30
C GLY B 249 -9.86 6.72 -0.75
N LEU B 250 -10.21 5.81 0.16
CA LEU B 250 -10.31 4.36 -0.10
C LEU B 250 -11.49 4.07 -1.04
N ASP B 251 -12.68 4.56 -0.70
CA ASP B 251 -13.91 4.36 -1.50
C ASP B 251 -13.73 5.06 -2.86
N GLU B 252 -12.96 6.14 -2.91
CA GLU B 252 -12.65 6.94 -4.14
C GLU B 252 -11.78 6.12 -5.10
N VAL B 253 -10.80 5.37 -4.59
CA VAL B 253 -9.92 4.48 -5.41
C VAL B 253 -10.80 3.47 -6.15
N VAL B 254 -11.78 2.90 -5.45
CA VAL B 254 -12.72 1.88 -6.00
C VAL B 254 -13.55 2.52 -7.12
N ALA B 255 -14.03 3.75 -6.90
CA ALA B 255 -14.87 4.51 -7.85
C ALA B 255 -14.09 4.82 -9.14
N LEU B 256 -12.79 5.11 -9.03
CA LEU B 256 -11.93 5.60 -10.15
C LEU B 256 -11.30 4.41 -10.89
N GLN B 257 -10.80 3.41 -10.15
CA GLN B 257 -9.93 2.33 -10.69
C GLN B 257 -10.67 1.00 -10.83
N GLY B 258 -11.87 0.87 -10.24
CA GLY B 258 -12.65 -0.39 -10.23
C GLY B 258 -13.56 -0.50 -11.43
N SER B 259 -13.61 -1.69 -12.06
CA SER B 259 -14.63 -2.06 -13.07
C SER B 259 -16.01 -1.95 -12.42
N PRO B 260 -17.10 -1.78 -13.19
CA PRO B 260 -18.45 -1.77 -12.61
C PRO B 260 -18.73 -3.04 -11.79
N THR B 261 -18.30 -4.21 -12.28
CA THR B 261 -18.42 -5.52 -11.59
C THR B 261 -17.78 -5.43 -10.21
N CYS B 262 -16.54 -4.91 -10.14
CA CYS B 262 -15.76 -4.73 -8.89
C CYS B 262 -16.50 -3.78 -7.94
N GLN B 263 -16.95 -2.63 -8.44
CA GLN B 263 -17.62 -1.58 -7.63
C GLN B 263 -18.93 -2.12 -7.07
N VAL B 264 -19.72 -2.82 -7.88
CA VAL B 264 -21.02 -3.44 -7.48
C VAL B 264 -20.74 -4.47 -6.36
N GLY B 265 -19.74 -5.32 -6.55
CA GLY B 265 -19.32 -6.32 -5.56
C GLY B 265 -18.88 -5.66 -4.26
N TYR B 266 -18.00 -4.66 -4.36
CA TYR B 266 -17.41 -3.91 -3.22
C TYR B 266 -18.53 -3.33 -2.35
N HIS B 267 -19.47 -2.63 -2.97
CA HIS B 267 -20.56 -1.89 -2.27
C HIS B 267 -21.62 -2.86 -1.71
N ARG B 268 -21.69 -4.08 -2.24
CA ARG B 268 -22.65 -5.11 -1.73
C ARG B 268 -22.28 -5.48 -0.30
N TRP B 269 -20.98 -5.53 0.03
CA TRP B 269 -20.45 -6.07 1.31
C TRP B 269 -19.76 -4.98 2.15
N ARG B 270 -19.50 -3.80 1.58
CA ARG B 270 -18.94 -2.63 2.32
C ARG B 270 -19.82 -2.37 3.55
N GLY B 271 -19.22 -2.39 4.74
CA GLY B 271 -19.87 -2.08 6.02
C GLY B 271 -20.65 -3.25 6.59
N ARG B 272 -20.46 -4.48 6.06
CA ARG B 272 -21.26 -5.68 6.43
C ARG B 272 -20.36 -6.89 6.74
N THR B 273 -19.03 -6.76 6.65
CA THR B 273 -18.09 -7.92 6.69
C THR B 273 -17.74 -8.31 8.14
N LEU B 274 -17.74 -7.34 9.07
CA LEU B 274 -17.17 -7.54 10.44
C LEU B 274 -18.30 -7.69 11.46
N PRO B 275 -18.25 -8.72 12.33
CA PRO B 275 -19.16 -8.82 13.47
C PRO B 275 -18.76 -7.80 14.55
N THR B 276 -19.69 -7.48 15.46
CA THR B 276 -19.55 -6.44 16.51
C THR B 276 -18.29 -6.71 17.36
N ALA B 277 -17.90 -7.97 17.51
CA ALA B 277 -16.77 -8.44 18.36
C ALA B 277 -15.46 -7.76 17.94
N VAL B 278 -15.31 -7.34 16.68
CA VAL B 278 -14.08 -6.66 16.17
C VAL B 278 -14.01 -5.25 16.77
N ARG B 279 -15.12 -4.51 16.75
CA ARG B 279 -15.23 -3.17 17.39
C ARG B 279 -14.98 -3.32 18.90
N GLU B 280 -15.54 -4.36 19.53
CA GLU B 280 -15.39 -4.66 20.98
C GLU B 280 -13.92 -4.93 21.31
N LEU B 281 -13.20 -5.65 20.43
CA LEU B 281 -11.75 -5.97 20.62
C LEU B 281 -10.92 -4.69 20.54
N ALA B 282 -11.17 -3.83 19.54
CA ALA B 282 -10.52 -2.52 19.38
C ALA B 282 -10.56 -1.76 20.72
N ALA B 283 -11.72 -1.74 21.37
CA ALA B 283 -11.93 -1.08 22.69
C ALA B 283 -11.07 -1.76 23.76
N ARG B 284 -11.06 -3.10 23.77
CA ARG B 284 -10.29 -3.94 24.74
C ARG B 284 -8.79 -3.63 24.60
N VAL B 285 -8.29 -3.53 23.35
CA VAL B 285 -6.86 -3.24 23.05
C VAL B 285 -6.51 -1.85 23.60
N LEU B 286 -7.40 -0.86 23.39
CA LEU B 286 -7.22 0.53 23.91
C LEU B 286 -7.15 0.51 25.44
N ASP B 287 -7.97 -0.32 26.09
CA ASP B 287 -8.01 -0.46 27.58
C ASP B 287 -6.65 -0.97 28.07
N GLN B 288 -6.07 -1.97 27.41
CA GLN B 288 -4.76 -2.55 27.76
C GLN B 288 -3.67 -1.49 27.60
N ILE B 289 -3.75 -0.68 26.54
CA ILE B 289 -2.75 0.36 26.18
C ILE B 289 -2.83 1.50 27.21
N GLU B 290 -4.04 1.95 27.56
CA GLU B 290 -4.28 3.15 28.40
C GLU B 290 -4.10 2.82 29.89
N GLY B 291 -4.42 1.59 30.31
CA GLY B 291 -4.55 1.21 31.73
C GLY B 291 -3.24 0.73 32.36
N GLY B 292 -2.22 0.41 31.56
CA GLY B 292 -0.90 -0.03 32.04
C GLY B 292 -0.62 -1.50 31.77
N ASP B 293 -1.63 -2.26 31.33
CA ASP B 293 -1.54 -3.72 31.05
C ASP B 293 -0.44 -3.97 30.01
N PHE B 294 -0.46 -3.24 28.88
CA PHE B 294 0.52 -3.41 27.77
C PHE B 294 1.92 -3.01 28.24
N SER B 295 2.03 -1.89 28.96
CA SER B 295 3.32 -1.33 29.47
C SER B 295 4.05 -2.40 30.29
N ALA B 296 3.32 -3.13 31.14
CA ALA B 296 3.85 -4.23 31.99
C ALA B 296 4.27 -5.40 31.09
N TYR B 297 3.41 -5.79 30.15
CA TYR B 297 3.65 -6.87 29.16
C TYR B 297 4.96 -6.59 28.39
N LEU B 298 5.13 -5.34 27.94
CA LEU B 298 6.31 -4.89 27.14
C LEU B 298 7.60 -5.02 27.97
N LYS B 299 7.59 -4.59 29.24
CA LYS B 299 8.78 -4.58 30.12
C LYS B 299 9.21 -6.02 30.43
N GLU B 300 8.26 -6.95 30.53
CA GLU B 300 8.50 -8.42 30.70
C GLU B 300 9.22 -8.95 29.46
N GLN B 301 8.76 -8.56 28.26
CA GLN B 301 9.29 -9.04 26.95
C GLN B 301 10.70 -8.47 26.72
N ALA B 302 10.96 -7.25 27.18
CA ALA B 302 12.23 -6.51 27.00
C ALA B 302 13.29 -7.02 27.98
N SER B 303 12.88 -7.48 29.16
CA SER B 303 13.77 -7.91 30.29
C SER B 303 14.67 -9.07 29.84
N ASN B 304 14.29 -9.81 28.79
CA ASN B 304 15.00 -11.02 28.29
C ASN B 304 15.75 -10.70 26.99
N ASP B 305 16.00 -9.42 26.70
CA ASP B 305 16.56 -8.94 25.41
C ASP B 305 15.65 -9.42 24.27
N TYR B 306 14.33 -9.34 24.48
CA TYR B 306 13.27 -9.67 23.49
C TYR B 306 13.48 -11.09 22.94
N ALA B 307 13.71 -12.06 23.84
CA ALA B 307 13.90 -13.50 23.51
C ALA B 307 12.59 -14.07 22.95
N SER B 308 11.46 -13.78 23.61
CA SER B 308 10.10 -14.21 23.20
C SER B 308 9.78 -13.67 21.79
N LEU B 309 10.15 -12.42 21.53
CA LEU B 309 9.97 -11.73 20.22
C LEU B 309 10.73 -12.49 19.13
N ASP B 310 11.97 -12.90 19.40
CA ASP B 310 12.83 -13.64 18.45
C ASP B 310 12.16 -14.96 18.06
N ASP B 311 11.59 -15.67 19.04
CA ASP B 311 10.87 -16.96 18.84
C ASP B 311 9.62 -16.72 17.97
N ALA B 312 8.83 -15.69 18.30
CA ALA B 312 7.60 -15.30 17.59
C ALA B 312 7.91 -14.99 16.11
N ARG B 313 8.98 -14.23 15.86
CA ARG B 313 9.45 -13.83 14.51
C ARG B 313 9.78 -15.07 13.70
N ARG B 314 10.49 -16.03 14.29
CA ARG B 314 10.90 -17.30 13.63
C ARG B 314 9.66 -18.19 13.39
N ALA B 315 8.72 -18.23 14.34
CA ALA B 315 7.45 -19.00 14.24
C ALA B 315 6.58 -18.44 13.10
N ALA B 316 6.54 -17.11 12.94
CA ALA B 316 5.73 -16.41 11.91
C ALA B 316 6.13 -16.85 10.49
N LEU B 317 7.42 -17.12 10.26
CA LEU B 317 7.96 -17.50 8.93
C LEU B 317 7.49 -18.91 8.53
N LYS B 318 7.07 -19.72 9.50
CA LYS B 318 6.58 -21.12 9.28
C LYS B 318 5.09 -21.13 8.90
N ARG B 319 4.34 -20.05 9.14
CA ARG B 319 2.88 -19.99 8.85
C ARG B 319 2.67 -20.22 7.36
N PRO B 320 1.63 -21.01 6.95
CA PRO B 320 1.33 -21.22 5.54
C PRO B 320 1.40 -19.98 4.64
N LEU B 321 0.89 -18.83 5.11
CA LEU B 321 0.87 -17.55 4.35
C LEU B 321 2.30 -17.18 3.91
N ASN B 322 3.28 -17.34 4.80
CA ASN B 322 4.68 -16.89 4.58
C ASN B 322 5.44 -17.98 3.80
N VAL B 323 5.04 -19.25 3.93
CA VAL B 323 5.55 -20.38 3.09
C VAL B 323 5.12 -20.13 1.65
N ALA B 324 3.85 -19.80 1.42
CA ALA B 324 3.26 -19.46 0.11
C ALA B 324 3.91 -18.20 -0.45
N HIS B 325 4.20 -17.19 0.39
CA HIS B 325 4.87 -15.93 -0.02
C HIS B 325 6.22 -16.25 -0.67
N ALA B 326 7.05 -17.04 0.01
CA ALA B 326 8.40 -17.45 -0.47
C ALA B 326 8.26 -18.16 -1.82
N GLN B 327 7.25 -19.01 -1.98
CA GLN B 327 6.95 -19.74 -3.25
C GLN B 327 6.62 -18.74 -4.35
N VAL B 328 5.76 -17.75 -4.05
CA VAL B 328 5.30 -16.73 -5.04
C VAL B 328 6.50 -15.84 -5.43
N ARG B 329 7.32 -15.42 -4.47
CA ARG B 329 8.42 -14.43 -4.69
C ARG B 329 9.52 -15.05 -5.55
N ALA B 330 9.74 -16.36 -5.43
CA ALA B 330 10.74 -17.12 -6.22
C ALA B 330 10.27 -17.27 -7.67
N ALA B 331 8.95 -17.25 -7.91
CA ALA B 331 8.31 -17.58 -9.21
C ALA B 331 7.88 -16.31 -9.95
N PHE B 332 7.55 -15.23 -9.25
CA PHE B 332 7.11 -13.93 -9.82
C PHE B 332 8.08 -12.82 -9.39
N ARG B 333 8.59 -12.05 -10.36
CA ARG B 333 9.46 -10.88 -10.11
C ARG B 333 8.58 -9.70 -9.69
N PHE B 334 8.84 -9.12 -8.52
CA PHE B 334 8.11 -7.94 -7.99
C PHE B 334 8.91 -6.67 -8.26
N PRO B 335 8.27 -5.58 -8.73
CA PRO B 335 8.99 -4.34 -9.02
C PRO B 335 9.39 -3.59 -7.73
N THR B 336 10.69 -3.38 -7.54
CA THR B 336 11.27 -2.65 -6.37
C THR B 336 12.36 -1.69 -6.84
N GLU B 337 12.52 -0.55 -6.16
CA GLU B 337 13.60 0.43 -6.39
C GLU B 337 14.90 -0.10 -5.75
N ALA B 338 16.04 0.18 -6.37
CA ALA B 338 17.39 -0.06 -5.80
C ALA B 338 17.55 0.79 -4.53
N ALA B 339 17.94 0.16 -3.42
CA ALA B 339 18.04 0.80 -2.08
C ALA B 339 19.51 0.95 -1.67
N GLY B 340 20.46 0.63 -2.57
CA GLY B 340 21.90 0.55 -2.30
C GLY B 340 22.46 1.81 -1.66
N GLY B 341 22.43 2.93 -2.40
CA GLY B 341 23.01 4.21 -1.95
C GLY B 341 22.00 5.11 -1.26
N LEU B 342 20.86 4.56 -0.84
CA LEU B 342 19.68 5.33 -0.38
C LEU B 342 20.05 6.29 0.75
N TYR B 343 20.89 5.87 1.71
CA TYR B 343 21.22 6.62 2.95
C TYR B 343 22.62 7.25 2.87
N GLN B 344 23.29 7.16 1.71
CA GLN B 344 24.60 7.83 1.47
C GLN B 344 24.31 9.30 1.12
N ALA B 345 25.35 10.14 1.19
CA ALA B 345 25.27 11.61 1.07
C ALA B 345 24.60 12.01 -0.26
N ALA B 346 23.69 12.99 -0.21
CA ALA B 346 22.98 13.56 -1.38
C ALA B 346 22.90 15.08 -1.23
N GLN B 347 22.36 15.77 -2.24
CA GLN B 347 22.08 17.23 -2.21
C GLN B 347 20.77 17.48 -1.46
N ALA B 348 20.63 18.65 -0.84
CA ALA B 348 19.35 19.18 -0.32
C ALA B 348 18.38 19.29 -1.50
N PRO B 349 17.18 18.66 -1.45
CA PRO B 349 16.32 18.56 -2.62
C PRO B 349 15.86 19.91 -3.18
PA NAD C . -14.20 0.64 -17.30
O1A NAD C . -15.33 0.96 -16.39
O2A NAD C . -12.98 1.49 -17.24
O5B NAD C . -14.74 0.55 -18.80
C5B NAD C . -14.95 1.77 -19.57
C4B NAD C . -14.85 1.43 -21.03
O4B NAD C . -15.95 0.55 -21.41
C3B NAD C . -14.94 2.62 -22.00
O3B NAD C . -14.07 2.43 -23.11
C2B NAD C . -16.43 2.63 -22.38
O2B NAD C . -16.66 3.27 -23.62
C1B NAD C . -16.70 1.13 -22.45
N9A NAD C . -18.10 0.76 -22.26
C8A NAD C . -18.85 0.92 -21.12
N7A NAD C . -20.08 0.45 -21.24
C5A NAD C . -20.13 -0.04 -22.53
C6A NAD C . -21.16 -0.66 -23.27
N6A NAD C . -22.37 -0.91 -22.79
N1A NAD C . -20.88 -1.04 -24.54
C2A NAD C . -19.66 -0.80 -25.03
N3A NAD C . -18.61 -0.22 -24.43
C4A NAD C . -18.92 0.14 -23.18
O3 NAD C . -13.80 -0.90 -17.07
PN NAD C . -12.44 -1.69 -16.83
O1N NAD C . -12.12 -1.62 -15.37
O2N NAD C . -11.40 -1.23 -17.80
O5D NAD C . -12.91 -3.19 -17.18
C5D NAD C . -12.81 -3.73 -18.52
C4D NAD C . -12.58 -5.22 -18.43
O4D NAD C . -11.30 -5.44 -17.79
C3D NAD C . -13.61 -6.03 -17.62
O3D NAD C . -13.85 -7.29 -18.22
C2D NAD C . -12.92 -6.16 -16.26
O2D NAD C . -13.37 -7.29 -15.53
C1D NAD C . -11.47 -6.34 -16.70
N1N NAD C . -10.47 -6.00 -15.64
C2N NAD C . -10.45 -4.73 -15.07
C3N NAD C . -9.43 -4.39 -14.18
C7N NAD C . -9.37 -2.99 -13.63
O7N NAD C . -8.28 -2.52 -13.29
N7N NAD C . -10.50 -2.31 -13.51
C4N NAD C . -8.48 -5.35 -13.83
C5N NAD C . -8.50 -6.59 -14.43
C6N NAD C . -9.58 -6.93 -15.22
MG MG D . -8.51 -8.57 -10.07
MG MG E . -12.10 -7.71 -11.33
C02 9TY F . 7.12 1.61 14.97
C03 9TY F . 6.30 2.26 13.83
C04 9TY F . 5.65 3.64 14.12
C07 9TY F . 6.70 1.97 12.47
C08 9TY F . 5.55 1.37 13.01
O01 9TY F . 7.09 2.11 16.12
O05 9TY F . 5.20 4.29 13.15
O06 9TY F . 5.58 4.02 15.31
O09 9TY F . 7.76 0.59 14.66
C1 GOL G . -8.68 -3.55 -6.02
O1 GOL G . -8.93 -4.95 -5.98
C2 GOL G . -9.85 -2.76 -5.48
O2 GOL G . -10.97 -3.63 -5.27
C3 GOL G . -10.27 -1.62 -6.40
O3 GOL G . -9.20 -0.72 -6.63
C1 GOL H . 4.34 -2.58 11.23
O1 GOL H . 3.42 -2.31 12.28
C2 GOL H . 4.92 -1.30 10.65
O2 GOL H . 5.72 -1.62 9.52
C3 GOL H . 3.88 -0.27 10.26
O3 GOL H . 2.77 -0.25 11.16
C02 9TY I . -11.44 -4.57 -11.20
C03 9TY I . -10.03 -4.81 -10.60
C04 9TY I . -9.37 -6.19 -10.86
C07 9TY I . -9.17 -3.66 -10.43
C08 9TY I . -9.81 -4.25 -9.32
O01 9TY I . -12.07 -5.54 -11.69
O05 9TY I . -8.13 -6.30 -10.66
O06 9TY I . -10.11 -7.14 -11.21
O09 9TY I . -11.88 -3.41 -11.13
PA NAD J . 15.43 0.15 16.21
O1A NAD J . 15.03 -1.19 16.70
O2A NAD J . 15.75 0.32 14.76
O5B NAD J . 16.65 0.70 17.10
C5B NAD J . 17.99 0.30 16.79
C4B NAD J . 18.94 1.31 17.39
O4B NAD J . 18.78 1.30 18.84
C3B NAD J . 20.43 1.04 17.13
O3B NAD J . 21.13 2.26 16.93
C2B NAD J . 20.85 0.30 18.40
O2B NAD J . 22.23 0.40 18.67
C1B NAD J . 20.04 1.06 19.44
N9A NAD J . 19.84 0.35 20.69
C8A NAD J . 19.15 -0.83 20.88
N7A NAD J . 19.15 -1.24 22.11
C5A NAD J . 19.86 -0.27 22.80
C6A NAD J . 20.21 -0.13 24.16
N6A NAD J . 19.86 -1.00 25.10
N1A NAD J . 20.92 0.96 24.51
C2A NAD J . 21.28 1.83 23.56
N3A NAD J . 21.01 1.80 22.25
C4A NAD J . 20.29 0.71 21.93
O3 NAD J . 14.30 1.20 16.65
PN NAD J . 13.47 2.35 15.92
O1N NAD J . 12.34 1.70 15.18
O2N NAD J . 14.42 3.21 15.14
O5D NAD J . 12.86 3.14 17.17
C5D NAD J . 13.58 4.24 17.81
C4D NAD J . 12.58 5.19 18.43
O4D NAD J . 11.78 5.76 17.38
C3D NAD J . 11.59 4.58 19.44
O3D NAD J . 11.30 5.52 20.47
C2D NAD J . 10.37 4.32 18.57
O2D NAD J . 9.15 4.25 19.30
C1D NAD J . 10.40 5.53 17.65
N1N NAD J . 9.68 5.34 16.36
C2N NAD J . 10.02 4.32 15.48
C3N NAD J . 9.42 4.23 14.23
C7N NAD J . 9.79 3.14 13.26
O7N NAD J . 9.73 3.35 12.05
N7N NAD J . 10.18 1.97 13.76
C4N NAD J . 8.44 5.18 13.88
C5N NAD J . 8.18 6.23 14.74
C6N NAD J . 8.66 6.18 16.02
MG MG K . 3.55 5.16 14.52
MG MG L . 5.57 3.08 17.30
#